data_8JQN
#
_entry.id   8JQN
#
_cell.length_a   1.00
_cell.length_b   1.00
_cell.length_c   1.00
_cell.angle_alpha   90.00
_cell.angle_beta   90.00
_cell.angle_gamma   90.00
#
_symmetry.space_group_name_H-M   'P 1'
#
loop_
_entity.id
_entity.type
_entity.pdbx_description
1 polymer '2E11 Fab Heavy Chain'
2 polymer '2E11 Fab Light Chain'
3 polymer 'Non-structural protein 1'
#
loop_
_entity_poly.entity_id
_entity_poly.type
_entity_poly.pdbx_seq_one_letter_code
_entity_poly.pdbx_strand_id
1 'polypeptide(L)'
;SVELIESGGGVVQPGRSLRLSCAASGFTFSNYAMHWVRQAPGKGLEWVAFISYDGSNKYYADSVKGRFTISRDNSKNTLS
LQMNSLRAEDTALYYCARVFNGYEGDYWGQGTLVTVSS
;
H,h
2 'polypeptide(L)'
;LPVLTQPPSVSVSPGQTARITCSGDALPKKYAYWYQQKSGQAPVLVIYEDSKRPSGIPERFSGSSSGTMATLTISGAQVE
DEADYYCYSTDSSGNLYVFGTGTKVTVL
;
L,l
3 'polypeptide(L)'
;HHHHHHGCSVDFSKKETRCGTGVFVYNDVEAWRDRYKYHPDSPRRLAAAVKQAWEDGICGISSVSRMENIMWRSVEGELN
AILEENGVQLTVVVGSVKNPMWRGPQRLPVPVNELPHGWKAWGKSYFVRAAKTNNSFVVDGDTLKECPLKHRAWNSFLVE
DHGFGVFHTSVWLKVREDYSLECDPAVIGTAVKGKEAVHSDLGYWIESEKNDTWRLKRAHLIEMKTCEWPKSHTLWTDGI
EESDLIIPKSLAGPLSHHNTREGYRTQMKGPWHSEELEIRFEECPGTKVHVEETCGTRGPSLRSTTASGRVIEEWCCREC
TMPPLSFRAKDGCWYGMEIRPRKEPESNLVRSMVTAGS
;
a,A
#
# COMPACT_ATOMS: atom_id res chain seq x y z
N VAL A 2 25.87 5.67 -53.65
CA VAL A 2 27.16 6.36 -53.64
C VAL A 2 27.31 7.19 -54.91
N GLU A 3 26.19 7.48 -55.55
CA GLU A 3 26.16 8.40 -56.68
C GLU A 3 25.17 9.50 -56.35
N LEU A 4 25.65 10.74 -56.37
CA LEU A 4 24.79 11.91 -56.16
C LEU A 4 24.92 12.81 -57.37
N ILE A 5 23.83 12.97 -58.11
CA ILE A 5 23.81 13.77 -59.32
C ILE A 5 22.78 14.87 -59.13
N GLU A 6 23.23 16.12 -59.14
CA GLU A 6 22.34 17.25 -59.03
C GLU A 6 22.36 18.06 -60.32
N SER A 7 21.26 18.75 -60.59
CA SER A 7 21.09 19.50 -61.83
C SER A 7 19.97 20.52 -61.64
N GLY A 8 19.88 21.44 -62.59
CA GLY A 8 18.87 22.48 -62.56
C GLY A 8 19.39 23.89 -62.52
N GLY A 9 20.70 24.08 -62.53
CA GLY A 9 21.28 25.41 -62.50
C GLY A 9 21.27 26.08 -63.85
N GLY A 10 21.58 27.37 -63.84
CA GLY A 10 21.64 28.14 -65.05
C GLY A 10 21.66 29.63 -64.74
N VAL A 11 21.63 30.41 -65.82
CA VAL A 11 21.62 31.86 -65.72
C VAL A 11 20.19 32.32 -65.49
N VAL A 12 20.00 33.23 -64.55
CA VAL A 12 18.68 33.71 -64.18
C VAL A 12 18.76 35.20 -63.85
N GLN A 13 17.73 35.94 -64.23
CA GLN A 13 17.66 37.35 -63.89
C GLN A 13 17.41 37.51 -62.40
N PRO A 14 17.91 38.59 -61.79
CA PRO A 14 17.64 38.82 -60.37
C PRO A 14 16.16 38.97 -60.09
N GLY A 15 15.72 38.47 -58.94
CA GLY A 15 14.35 38.56 -58.52
C GLY A 15 13.49 37.39 -58.94
N ARG A 16 13.94 36.55 -59.86
CA ARG A 16 13.17 35.41 -60.32
C ARG A 16 13.33 34.27 -59.31
N SER A 17 12.90 33.07 -59.69
CA SER A 17 13.00 31.91 -58.83
C SER A 17 13.50 30.72 -59.62
N LEU A 18 14.22 29.83 -58.93
CA LEU A 18 14.85 28.69 -59.56
C LEU A 18 14.71 27.47 -58.64
N ARG A 19 14.72 26.29 -59.24
CA ARG A 19 14.56 25.05 -58.49
C ARG A 19 15.68 24.08 -58.85
N LEU A 20 16.28 23.48 -57.84
CA LEU A 20 17.36 22.53 -58.01
C LEU A 20 16.90 21.13 -57.58
N SER A 21 17.56 20.12 -58.13
CA SER A 21 17.25 18.74 -57.81
C SER A 21 18.54 17.96 -57.67
N CYS A 22 18.46 16.85 -56.94
CA CYS A 22 19.61 16.00 -56.68
C CYS A 22 19.12 14.57 -56.56
N ALA A 23 19.54 13.72 -57.49
CA ALA A 23 19.13 12.31 -57.51
C ALA A 23 20.20 11.46 -56.84
N ALA A 24 19.77 10.52 -56.01
CA ALA A 24 20.66 9.70 -55.22
C ALA A 24 20.45 8.23 -55.53
N SER A 25 21.54 7.47 -55.54
CA SER A 25 21.48 6.04 -55.79
C SER A 25 22.69 5.37 -55.17
N GLY A 26 22.52 4.09 -54.85
CA GLY A 26 23.58 3.31 -54.24
C GLY A 26 23.50 3.13 -52.75
N PHE A 27 22.45 3.63 -52.11
CA PHE A 27 22.27 3.45 -50.67
C PHE A 27 20.80 3.65 -50.33
N THR A 28 20.45 3.31 -49.10
CA THR A 28 19.09 3.50 -48.63
C THR A 28 18.87 4.99 -48.34
N PHE A 29 18.14 5.66 -49.22
CA PHE A 29 17.98 7.11 -49.13
C PHE A 29 17.20 7.53 -47.90
N SER A 30 16.29 6.69 -47.41
CA SER A 30 15.42 7.05 -46.30
C SER A 30 16.10 6.89 -44.94
N ASN A 31 17.42 6.79 -44.90
CA ASN A 31 18.13 6.56 -43.66
C ASN A 31 19.12 7.66 -43.33
N TYR A 32 19.29 8.66 -44.18
CA TYR A 32 20.33 9.64 -44.01
C TYR A 32 19.78 11.05 -44.17
N ALA A 33 20.35 11.98 -43.42
CA ALA A 33 20.04 13.39 -43.58
C ALA A 33 20.95 13.98 -44.65
N MET A 34 20.43 14.98 -45.36
CA MET A 34 21.14 15.58 -46.47
C MET A 34 21.31 17.07 -46.22
N HIS A 35 22.40 17.62 -46.76
CA HIS A 35 22.74 19.02 -46.61
C HIS A 35 22.82 19.67 -47.98
N TRP A 36 22.71 20.99 -48.01
CA TRP A 36 23.00 21.78 -49.19
C TRP A 36 24.11 22.75 -48.85
N VAL A 37 25.17 22.75 -49.65
CA VAL A 37 26.34 23.58 -49.42
C VAL A 37 26.65 24.31 -50.73
N ARG A 38 26.99 25.59 -50.62
CA ARG A 38 27.36 26.38 -51.78
C ARG A 38 28.75 26.95 -51.61
N GLN A 39 29.40 27.24 -52.74
CA GLN A 39 30.76 27.76 -52.74
C GLN A 39 30.88 28.81 -53.81
N ALA A 40 31.12 30.05 -53.41
CA ALA A 40 31.34 31.11 -54.37
C ALA A 40 32.63 30.86 -55.14
N PRO A 41 32.74 31.35 -56.38
CA PRO A 41 33.96 31.12 -57.16
C PRO A 41 35.17 31.76 -56.50
N GLY A 42 36.11 30.93 -56.10
CA GLY A 42 37.33 31.39 -55.47
C GLY A 42 37.26 31.62 -53.98
N LYS A 43 36.13 31.34 -53.35
CA LYS A 43 35.97 31.52 -51.91
C LYS A 43 35.61 30.20 -51.25
N GLY A 44 35.46 30.25 -49.92
CA GLY A 44 35.30 29.04 -49.15
C GLY A 44 33.89 28.48 -49.16
N LEU A 45 33.76 27.29 -48.59
CA LEU A 45 32.47 26.62 -48.52
C LEU A 45 31.54 27.36 -47.58
N GLU A 46 30.25 27.10 -47.72
CA GLU A 46 29.24 27.78 -46.92
C GLU A 46 28.01 26.90 -46.82
N TRP A 47 27.55 26.67 -45.59
CA TRP A 47 26.37 25.85 -45.37
C TRP A 47 25.11 26.61 -45.79
N VAL A 48 24.11 25.86 -46.23
CA VAL A 48 22.86 26.48 -46.69
C VAL A 48 21.65 25.94 -45.93
N ALA A 49 21.41 24.63 -46.00
CA ALA A 49 20.20 24.07 -45.43
C ALA A 49 20.43 22.63 -45.00
N PHE A 50 19.45 22.08 -44.29
CA PHE A 50 19.54 20.75 -43.72
C PHE A 50 18.14 20.17 -43.64
N ILE A 51 18.01 18.88 -43.92
CA ILE A 51 16.73 18.20 -43.80
C ILE A 51 16.95 16.87 -43.10
N SER A 52 16.00 16.51 -42.23
CA SER A 52 16.13 15.32 -41.41
C SER A 52 16.01 14.07 -42.27
N TYR A 53 16.14 12.91 -41.64
CA TYR A 53 16.12 11.65 -42.39
C TYR A 53 14.73 11.29 -42.88
N ASP A 54 13.70 12.02 -42.46
CA ASP A 54 12.34 11.82 -42.96
C ASP A 54 11.61 13.12 -43.22
N GLY A 55 12.33 14.23 -43.35
CA GLY A 55 11.70 15.50 -43.68
C GLY A 55 10.95 16.17 -42.56
N SER A 56 11.04 15.65 -41.34
CA SER A 56 10.33 16.25 -40.22
C SER A 56 10.97 17.55 -39.77
N ASN A 57 12.29 17.65 -39.84
CA ASN A 57 13.02 18.80 -39.32
C ASN A 57 13.76 19.48 -40.44
N LYS A 58 13.71 20.81 -40.47
CA LYS A 58 14.29 21.60 -41.54
C LYS A 58 14.95 22.83 -40.94
N TYR A 59 16.20 23.09 -41.30
CA TYR A 59 16.92 24.23 -40.79
C TYR A 59 17.65 24.93 -41.92
N TYR A 60 17.67 26.26 -41.89
CA TYR A 60 18.26 27.06 -42.95
C TYR A 60 19.27 28.03 -42.37
N ALA A 61 20.27 28.38 -43.19
CA ALA A 61 21.23 29.39 -42.77
C ALA A 61 20.55 30.74 -42.69
N ASP A 62 21.12 31.63 -41.86
CA ASP A 62 20.49 32.92 -41.63
C ASP A 62 20.47 33.77 -42.90
N SER A 63 21.54 33.73 -43.70
CA SER A 63 21.61 34.61 -44.86
C SER A 63 20.58 34.26 -45.92
N VAL A 64 20.00 33.06 -45.89
CA VAL A 64 19.03 32.64 -46.89
C VAL A 64 17.72 32.23 -46.23
N LYS A 65 17.54 32.54 -44.95
CA LYS A 65 16.37 32.05 -44.24
C LYS A 65 15.11 32.75 -44.74
N GLY A 66 14.08 31.96 -45.00
CA GLY A 66 12.84 32.48 -45.55
C GLY A 66 12.74 32.43 -47.06
N ARG A 67 13.78 32.88 -47.75
CA ARG A 67 13.78 32.87 -49.20
C ARG A 67 13.78 31.45 -49.75
N PHE A 68 14.60 30.57 -49.19
CA PHE A 68 14.76 29.22 -49.71
C PHE A 68 13.86 28.25 -48.96
N THR A 69 13.72 27.06 -49.52
CA THR A 69 13.01 25.98 -48.86
C THR A 69 13.52 24.64 -49.38
N ILE A 70 13.62 23.65 -48.50
CA ILE A 70 14.20 22.36 -48.82
C ILE A 70 13.12 21.30 -48.67
N SER A 71 13.26 20.23 -49.45
CA SER A 71 12.32 19.13 -49.38
C SER A 71 12.97 17.89 -49.96
N ARG A 72 12.35 16.74 -49.69
CA ARG A 72 12.84 15.47 -50.20
C ARG A 72 11.65 14.57 -50.49
N ASP A 73 11.90 13.56 -51.30
CA ASP A 73 10.87 12.57 -51.67
C ASP A 73 11.53 11.20 -51.51
N ASN A 74 11.24 10.55 -50.39
CA ASN A 74 11.90 9.28 -50.07
C ASN A 74 11.49 8.18 -51.05
N SER A 75 10.31 8.30 -51.66
CA SER A 75 9.83 7.24 -52.55
C SER A 75 10.73 7.11 -53.78
N LYS A 76 11.15 8.24 -54.35
CA LYS A 76 11.94 8.23 -55.58
C LYS A 76 13.34 8.80 -55.40
N ASN A 77 13.84 8.87 -54.17
CA ASN A 77 15.23 9.23 -53.90
C ASN A 77 15.60 10.58 -54.51
N THR A 78 14.80 11.61 -54.23
CA THR A 78 14.99 12.92 -54.83
C THR A 78 15.12 13.97 -53.73
N LEU A 79 16.10 14.86 -53.88
CA LEU A 79 16.28 15.99 -53.01
C LEU A 79 16.14 17.27 -53.82
N SER A 80 15.42 18.25 -53.28
CA SER A 80 15.12 19.46 -54.03
C SER A 80 15.30 20.68 -53.15
N LEU A 81 15.64 21.81 -53.78
CA LEU A 81 15.80 23.09 -53.11
C LEU A 81 15.15 24.16 -53.96
N GLN A 82 14.07 24.75 -53.47
CA GLN A 82 13.35 25.80 -54.16
C GLN A 82 13.86 27.15 -53.69
N MET A 83 14.33 27.97 -54.63
CA MET A 83 14.96 29.23 -54.33
C MET A 83 14.08 30.37 -54.84
N ASN A 84 13.86 31.38 -54.00
CA ASN A 84 12.97 32.48 -54.31
C ASN A 84 13.65 33.81 -54.03
N SER A 85 13.33 34.81 -54.85
CA SER A 85 13.82 36.17 -54.69
C SER A 85 15.35 36.22 -54.68
N LEU A 86 15.93 35.65 -55.74
CA LEU A 86 17.37 35.56 -55.83
C LEU A 86 17.99 36.95 -55.94
N ARG A 87 19.24 37.06 -55.51
CA ARG A 87 20.01 38.28 -55.63
C ARG A 87 21.42 37.96 -56.10
N ALA A 88 22.23 38.99 -56.25
CA ALA A 88 23.57 38.81 -56.81
C ALA A 88 24.49 38.01 -55.90
N GLU A 89 24.23 37.98 -54.60
CA GLU A 89 25.09 37.27 -53.66
C GLU A 89 24.95 35.76 -53.75
N ASP A 90 23.96 35.26 -54.48
CA ASP A 90 23.69 33.83 -54.53
C ASP A 90 24.42 33.13 -55.67
N THR A 91 25.28 33.83 -56.40
CA THR A 91 26.02 33.22 -57.50
C THR A 91 27.13 32.33 -56.93
N ALA A 92 26.99 31.02 -57.10
CA ALA A 92 27.93 30.07 -56.53
C ALA A 92 27.61 28.67 -57.03
N LEU A 93 28.59 27.79 -56.91
CA LEU A 93 28.37 26.37 -57.16
C LEU A 93 27.66 25.74 -55.98
N TYR A 94 26.68 24.88 -56.26
CA TYR A 94 25.84 24.29 -55.23
C TYR A 94 26.09 22.78 -55.16
N TYR A 95 26.25 22.27 -53.94
CA TYR A 95 26.57 20.87 -53.72
C TYR A 95 25.39 20.15 -53.06
N CYS A 96 25.54 18.84 -52.94
CA CYS A 96 24.51 17.96 -52.41
C CYS A 96 25.24 16.91 -51.58
N ALA A 97 25.41 17.17 -50.29
CA ALA A 97 26.34 16.44 -49.46
C ALA A 97 25.63 15.46 -48.54
N ARG A 98 26.42 14.58 -47.93
CA ARG A 98 25.95 13.55 -47.00
C ARG A 98 26.86 13.49 -45.79
N VAL A 99 27.13 14.64 -45.19
CA VAL A 99 28.18 14.77 -44.18
C VAL A 99 27.67 14.36 -42.80
N PHE A 100 28.61 14.23 -41.85
CA PHE A 100 28.35 13.78 -40.48
C PHE A 100 27.76 12.38 -40.39
N ASN A 101 28.47 11.40 -40.90
CA ASN A 101 28.09 10.00 -40.76
C ASN A 101 29.30 9.15 -40.39
N GLY A 102 30.01 9.50 -39.32
CA GLY A 102 31.30 8.92 -38.98
C GLY A 102 31.50 7.45 -39.31
N TYR A 103 32.64 7.17 -39.94
CA TYR A 103 33.09 5.87 -40.45
C TYR A 103 32.07 5.25 -41.39
N GLU A 104 31.03 5.97 -41.78
CA GLU A 104 30.12 5.49 -42.81
C GLU A 104 30.27 6.25 -44.11
N GLY A 105 31.22 7.16 -44.18
CA GLY A 105 31.54 7.83 -45.43
C GLY A 105 30.78 9.13 -45.58
N ASP A 106 31.41 10.08 -46.25
CA ASP A 106 30.81 11.36 -46.57
C ASP A 106 30.98 11.61 -48.06
N TYR A 107 29.87 11.61 -48.79
CA TYR A 107 29.88 11.70 -50.24
C TYR A 107 29.30 13.03 -50.69
N TRP A 108 29.93 13.63 -51.69
CA TRP A 108 29.49 14.89 -52.27
C TRP A 108 29.00 14.68 -53.70
N GLY A 109 28.26 15.65 -54.19
CA GLY A 109 27.83 15.67 -55.57
C GLY A 109 28.93 16.18 -56.46
N GLN A 110 28.52 16.82 -57.56
CA GLN A 110 29.49 17.41 -58.47
C GLN A 110 29.35 18.92 -58.58
N GLY A 111 28.17 19.47 -58.39
CA GLY A 111 28.01 20.91 -58.41
C GLY A 111 27.28 21.39 -59.67
N THR A 112 26.33 22.28 -59.47
CA THR A 112 25.61 22.94 -60.55
C THR A 112 25.72 24.44 -60.36
N LEU A 113 26.43 25.10 -61.26
CA LEU A 113 26.68 26.52 -61.11
C LEU A 113 25.40 27.30 -61.33
N VAL A 114 25.16 28.27 -60.47
CA VAL A 114 24.02 29.18 -60.59
C VAL A 114 24.58 30.60 -60.55
N THR A 115 24.30 31.39 -61.57
CA THR A 115 24.74 32.78 -61.63
C THR A 115 23.53 33.69 -61.74
N VAL A 116 23.54 34.76 -60.97
CA VAL A 116 22.42 35.69 -60.89
C VAL A 116 22.90 37.04 -61.39
N SER A 117 22.37 37.47 -62.52
CA SER A 117 22.71 38.75 -63.12
C SER A 117 21.74 39.03 -64.25
N SER A 118 21.94 40.18 -64.89
CA SER A 118 21.12 40.57 -66.04
C SER A 118 21.87 41.54 -66.94
N LEU B 4 33.58 29.92 -36.21
CA LEU B 4 34.78 29.17 -36.50
C LEU B 4 35.73 29.96 -37.38
N THR B 5 36.96 30.16 -36.91
CA THR B 5 37.95 30.92 -37.64
C THR B 5 39.23 30.12 -37.77
N GLN B 6 39.91 30.29 -38.89
CA GLN B 6 41.17 29.63 -39.18
C GLN B 6 42.15 30.63 -39.75
N PRO B 7 43.45 30.38 -39.62
CA PRO B 7 44.44 31.27 -40.21
C PRO B 7 44.28 31.31 -41.72
N PRO B 8 44.54 32.46 -42.34
CA PRO B 8 44.35 32.56 -43.80
C PRO B 8 45.22 31.62 -44.60
N SER B 9 46.45 31.36 -44.15
CA SER B 9 47.34 30.52 -44.93
C SER B 9 48.41 29.92 -44.03
N VAL B 10 48.98 28.81 -44.49
CA VAL B 10 50.08 28.14 -43.82
C VAL B 10 51.06 27.67 -44.89
N SER B 11 52.35 27.97 -44.70
CA SER B 11 53.38 27.57 -45.65
C SER B 11 54.47 26.81 -44.92
N VAL B 12 54.82 25.63 -45.46
CA VAL B 12 55.80 24.75 -44.85
C VAL B 12 56.80 24.32 -45.91
N SER B 13 57.80 23.57 -45.48
CA SER B 13 58.83 22.93 -46.28
C SER B 13 58.63 21.42 -46.27
N PRO B 14 58.98 20.72 -47.35
CA PRO B 14 58.80 19.27 -47.37
C PRO B 14 59.59 18.60 -46.26
N GLY B 15 58.97 17.58 -45.66
CA GLY B 15 59.56 16.89 -44.52
C GLY B 15 59.31 17.56 -43.19
N GLN B 16 58.69 18.73 -43.16
CA GLN B 16 58.36 19.41 -41.93
C GLN B 16 56.95 19.02 -41.49
N THR B 17 56.42 19.71 -40.49
CA THR B 17 55.07 19.44 -40.00
C THR B 17 54.26 20.73 -40.05
N ALA B 18 52.98 20.60 -40.42
CA ALA B 18 52.08 21.74 -40.53
C ALA B 18 51.00 21.65 -39.46
N ARG B 19 50.79 22.74 -38.75
CA ARG B 19 49.77 22.82 -37.70
C ARG B 19 48.68 23.78 -38.15
N ILE B 20 47.45 23.28 -38.19
CA ILE B 20 46.31 24.07 -38.63
C ILE B 20 45.31 24.13 -37.49
N THR B 21 44.89 25.33 -37.13
CA THR B 21 44.06 25.56 -35.95
C THR B 21 42.69 26.08 -36.36
N CYS B 22 41.66 25.64 -35.64
CA CYS B 22 40.28 26.06 -35.87
C CYS B 22 39.67 26.35 -34.51
N SER B 23 39.49 27.63 -34.20
CA SER B 23 39.06 28.06 -32.88
C SER B 23 37.66 28.64 -32.94
N GLY B 24 36.80 28.23 -32.02
CA GLY B 24 35.46 28.76 -31.95
C GLY B 24 34.72 28.29 -30.71
N ASP B 25 33.60 28.94 -30.39
CA ASP B 25 32.81 28.54 -29.26
C ASP B 25 32.02 27.28 -29.59
N ALA B 26 31.41 26.70 -28.55
CA ALA B 26 30.58 25.50 -28.68
C ALA B 26 31.39 24.31 -29.15
N LEU B 27 32.68 24.50 -29.35
CA LEU B 27 33.59 23.45 -29.76
C LEU B 27 33.89 22.47 -28.61
N PRO B 28 33.92 22.92 -27.34
CA PRO B 28 34.05 21.94 -26.25
C PRO B 28 32.88 20.98 -26.17
N LYS B 29 31.74 21.30 -26.76
CA LYS B 29 30.57 20.46 -26.64
C LYS B 29 30.19 19.74 -27.93
N LYS B 30 30.90 19.98 -29.03
CA LYS B 30 30.54 19.42 -30.32
C LYS B 30 31.78 18.86 -31.01
N TYR B 31 31.55 17.91 -31.91
CA TYR B 31 32.61 17.34 -32.71
C TYR B 31 33.05 18.32 -33.79
N ALA B 32 34.17 18.01 -34.44
CA ALA B 32 34.63 18.79 -35.57
C ALA B 32 35.15 17.85 -36.64
N TYR B 33 34.77 18.10 -37.88
CA TYR B 33 35.20 17.32 -39.03
C TYR B 33 36.12 18.18 -39.88
N TRP B 34 37.12 17.56 -40.50
CA TRP B 34 38.07 18.27 -41.34
C TRP B 34 37.95 17.77 -42.77
N TYR B 35 37.88 18.71 -43.71
CA TYR B 35 37.69 18.40 -45.12
C TYR B 35 38.85 18.96 -45.93
N GLN B 36 39.31 18.20 -46.91
CA GLN B 36 40.35 18.63 -47.82
C GLN B 36 39.77 18.77 -49.21
N GLN B 37 40.01 19.92 -49.84
CA GLN B 37 39.52 20.18 -51.19
C GLN B 37 40.70 20.59 -52.06
N LYS B 38 41.11 19.70 -52.95
CA LYS B 38 42.11 20.05 -53.93
C LYS B 38 41.51 20.97 -54.98
N SER B 39 42.39 21.62 -55.75
CA SER B 39 41.94 22.63 -56.70
C SER B 39 41.04 22.03 -57.78
N GLY B 40 39.80 22.45 -57.81
CA GLY B 40 38.87 22.02 -58.84
C GLY B 40 38.23 20.67 -58.63
N GLN B 41 38.10 20.22 -57.39
CA GLN B 41 37.45 18.94 -57.10
C GLN B 41 36.52 19.10 -55.91
N ALA B 42 35.79 18.03 -55.63
CA ALA B 42 34.91 18.00 -54.47
C ALA B 42 35.72 17.70 -53.21
N PRO B 43 35.34 18.28 -52.07
CA PRO B 43 36.12 18.09 -50.85
C PRO B 43 36.12 16.64 -50.39
N VAL B 44 37.17 16.29 -49.64
CA VAL B 44 37.39 14.93 -49.17
C VAL B 44 37.58 14.97 -47.66
N LEU B 45 36.92 14.06 -46.95
CA LEU B 45 37.04 13.98 -45.49
C LEU B 45 38.33 13.30 -45.10
N VAL B 46 39.06 13.90 -44.15
CA VAL B 46 40.35 13.36 -43.73
C VAL B 46 40.35 13.01 -42.25
N ILE B 47 39.55 13.71 -41.46
CA ILE B 47 39.50 13.53 -40.01
C ILE B 47 38.06 13.73 -39.55
N TYR B 48 37.57 12.82 -38.72
CA TYR B 48 36.22 12.95 -38.17
C TYR B 48 36.26 12.69 -36.68
N GLU B 49 35.35 13.35 -35.96
CA GLU B 49 35.24 13.25 -34.50
C GLU B 49 36.54 13.59 -33.80
N ASP B 50 37.29 14.52 -34.38
CA ASP B 50 38.41 15.23 -33.78
C ASP B 50 39.68 14.39 -33.64
N SER B 51 39.61 13.08 -33.81
CA SER B 51 40.82 12.28 -33.67
C SER B 51 40.91 11.09 -34.60
N LYS B 52 39.89 10.79 -35.40
CA LYS B 52 39.85 9.56 -36.17
C LYS B 52 40.09 9.87 -37.64
N ARG B 53 40.63 8.90 -38.35
CA ARG B 53 40.83 9.04 -39.77
C ARG B 53 40.10 7.93 -40.52
N PRO B 54 39.47 8.23 -41.64
CA PRO B 54 38.80 7.17 -42.40
C PRO B 54 39.81 6.28 -43.10
N SER B 55 39.37 5.07 -43.41
CA SER B 55 40.21 4.13 -44.13
C SER B 55 40.56 4.68 -45.51
N GLY B 56 41.82 4.57 -45.88
CA GLY B 56 42.30 5.09 -47.15
C GLY B 56 43.02 6.41 -47.07
N ILE B 57 43.07 7.03 -45.89
CA ILE B 57 43.78 8.29 -45.69
C ILE B 57 45.17 7.99 -45.14
N PRO B 58 46.22 8.63 -45.65
CA PRO B 58 47.57 8.35 -45.16
C PRO B 58 47.70 8.56 -43.66
N GLU B 59 48.50 7.71 -43.03
CA GLU B 59 48.67 7.76 -41.59
C GLU B 59 49.43 8.99 -41.11
N ARG B 60 49.79 9.90 -42.02
CA ARG B 60 50.44 11.14 -41.61
C ARG B 60 49.46 12.23 -41.21
N PHE B 61 48.17 11.95 -41.28
CA PHE B 61 47.13 12.91 -40.91
C PHE B 61 46.66 12.62 -39.49
N SER B 62 46.76 13.62 -38.62
CA SER B 62 46.31 13.46 -37.25
C SER B 62 45.71 14.77 -36.77
N GLY B 63 44.81 14.66 -35.81
CA GLY B 63 44.14 15.84 -35.27
C GLY B 63 43.71 15.61 -33.84
N SER B 64 43.47 16.72 -33.14
CA SER B 64 43.09 16.67 -31.74
C SER B 64 42.29 17.91 -31.39
N SER B 65 41.57 17.83 -30.28
CA SER B 65 40.79 18.94 -29.77
C SER B 65 41.08 19.12 -28.29
N SER B 66 41.08 20.37 -27.84
CA SER B 66 41.38 20.67 -26.45
C SER B 66 40.70 21.98 -26.06
N GLY B 67 39.59 21.87 -25.35
CA GLY B 67 38.97 23.03 -24.73
C GLY B 67 38.13 23.86 -25.66
N THR B 68 38.77 24.65 -26.51
CA THR B 68 38.03 25.49 -27.44
C THR B 68 38.73 25.60 -28.79
N MET B 69 39.66 24.70 -29.10
CA MET B 69 40.47 24.78 -30.30
C MET B 69 40.77 23.38 -30.80
N ALA B 70 40.40 23.11 -32.05
CA ALA B 70 40.72 21.86 -32.70
C ALA B 70 41.86 22.08 -33.68
N THR B 71 42.80 21.15 -33.70
CA THR B 71 44.02 21.30 -34.47
C THR B 71 44.20 20.13 -35.42
N LEU B 72 44.62 20.44 -36.66
CA LEU B 72 44.97 19.44 -37.64
C LEU B 72 46.48 19.48 -37.84
N THR B 73 47.11 18.31 -37.82
CA THR B 73 48.56 18.20 -37.95
C THR B 73 48.90 17.39 -39.19
N ILE B 74 49.79 17.92 -40.01
CA ILE B 74 50.28 17.26 -41.20
C ILE B 74 51.72 16.87 -40.93
N SER B 75 51.95 15.62 -40.55
CA SER B 75 53.29 15.13 -40.25
C SER B 75 53.97 14.71 -41.54
N GLY B 76 55.18 15.22 -41.75
CA GLY B 76 55.92 14.89 -42.96
C GLY B 76 55.24 15.38 -44.21
N ALA B 77 54.86 16.66 -44.22
CA ALA B 77 54.12 17.23 -45.34
C ALA B 77 54.89 17.07 -46.63
N GLN B 78 54.19 16.66 -47.68
CA GLN B 78 54.77 16.47 -49.00
C GLN B 78 54.10 17.41 -50.00
N VAL B 79 54.43 17.22 -51.27
CA VAL B 79 53.97 18.16 -52.29
C VAL B 79 52.50 17.95 -52.67
N GLU B 80 51.99 16.72 -52.58
CA GLU B 80 50.61 16.49 -52.99
C GLU B 80 49.59 16.91 -51.94
N ASP B 81 50.01 17.68 -50.94
CA ASP B 81 49.11 18.17 -49.92
C ASP B 81 48.74 19.64 -50.12
N GLU B 82 49.05 20.20 -51.28
CA GLU B 82 48.55 21.52 -51.65
C GLU B 82 47.03 21.47 -51.70
N ALA B 83 46.35 22.11 -50.77
CA ALA B 83 44.90 21.99 -50.71
C ALA B 83 44.35 23.12 -49.84
N ASP B 84 43.04 23.11 -49.65
CA ASP B 84 42.36 23.97 -48.70
C ASP B 84 41.66 23.09 -47.68
N TYR B 85 41.76 23.47 -46.41
CA TYR B 85 41.21 22.68 -45.33
C TYR B 85 40.16 23.49 -44.59
N TYR B 86 39.04 22.84 -44.29
CA TYR B 86 37.93 23.49 -43.61
C TYR B 86 37.49 22.63 -42.43
N CYS B 87 37.42 23.24 -41.25
CA CYS B 87 36.78 22.57 -40.14
C CYS B 87 35.28 22.75 -40.24
N TYR B 88 34.55 21.71 -39.88
CA TYR B 88 33.10 21.69 -40.02
C TYR B 88 32.50 21.26 -38.69
N SER B 89 31.56 22.02 -38.17
CA SER B 89 30.96 21.70 -36.87
C SER B 89 29.58 22.29 -36.79
N THR B 90 29.00 22.29 -35.62
CA THR B 90 27.66 22.84 -35.43
C THR B 90 27.70 24.00 -34.46
N ASP B 91 26.56 24.60 -34.16
CA ASP B 91 26.46 25.69 -33.18
C ASP B 91 25.89 25.11 -31.91
N SER B 92 25.79 25.90 -30.86
CA SER B 92 25.38 25.38 -29.53
C SER B 92 24.16 24.50 -29.58
N SER B 93 23.21 24.75 -30.46
CA SER B 93 21.95 23.99 -30.44
C SER B 93 22.10 22.67 -31.19
N GLY B 94 23.08 22.53 -32.05
CA GLY B 94 23.23 21.30 -32.83
C GLY B 94 22.26 21.31 -33.96
N ASN B 95 21.78 22.46 -34.35
CA ASN B 95 20.75 22.54 -35.39
C ASN B 95 21.26 23.34 -36.55
N LEU B 96 22.26 24.18 -36.37
CA LEU B 96 22.76 25.04 -37.46
C LEU B 96 24.22 24.75 -37.65
N TYR B 97 24.65 24.33 -38.82
CA TYR B 97 26.04 23.90 -39.05
C TYR B 97 26.84 25.04 -39.62
N VAL B 98 28.15 24.94 -39.66
CA VAL B 98 28.98 26.07 -40.05
C VAL B 98 30.34 25.56 -40.47
N PHE B 99 30.92 26.22 -41.46
CA PHE B 99 32.24 25.89 -41.98
C PHE B 99 33.26 26.92 -41.50
N GLY B 100 34.50 26.48 -41.36
CA GLY B 100 35.57 27.40 -41.07
C GLY B 100 35.92 28.26 -42.27
N THR B 101 36.65 29.33 -42.01
CA THR B 101 37.02 30.25 -43.08
C THR B 101 37.98 29.64 -44.08
N GLY B 102 38.66 28.55 -43.73
CA GLY B 102 39.52 27.87 -44.68
C GLY B 102 40.98 28.24 -44.60
N THR B 103 41.85 27.27 -44.85
CA THR B 103 43.30 27.46 -44.72
C THR B 103 43.96 26.97 -46.00
N LYS B 104 44.81 27.80 -46.58
CA LYS B 104 45.58 27.45 -47.76
C LYS B 104 46.96 26.94 -47.35
N VAL B 105 47.31 25.74 -47.79
CA VAL B 105 48.57 25.12 -47.42
C VAL B 105 49.46 25.06 -48.66
N THR B 106 50.61 25.73 -48.58
CA THR B 106 51.59 25.72 -49.65
C THR B 106 52.85 25.02 -49.18
N VAL B 107 53.26 24.00 -49.92
CA VAL B 107 54.43 23.19 -49.58
C VAL B 107 55.54 23.57 -50.55
N LEU B 108 56.67 24.04 -50.02
CA LEU B 108 57.78 24.47 -50.84
C LEU B 108 58.65 23.30 -51.28
N VAL C 2 -24.24 -21.16 50.99
CA VAL C 2 -25.67 -21.00 50.85
C VAL C 2 -26.20 -20.44 52.17
N GLU C 3 -25.29 -20.19 53.10
CA GLU C 3 -25.65 -19.54 54.35
C GLU C 3 -24.67 -18.41 54.62
N LEU C 4 -25.18 -17.33 55.21
CA LEU C 4 -24.39 -16.14 55.51
C LEU C 4 -24.56 -15.84 56.99
N ILE C 5 -23.45 -15.81 57.72
CA ILE C 5 -23.45 -15.52 59.14
C ILE C 5 -22.64 -14.26 59.38
N GLU C 6 -23.26 -13.28 60.01
CA GLU C 6 -22.60 -12.03 60.33
C GLU C 6 -22.72 -11.76 61.83
N SER C 7 -21.74 -11.03 62.35
CA SER C 7 -21.62 -10.80 63.78
C SER C 7 -20.80 -9.53 64.01
N GLY C 8 -20.75 -9.11 65.26
CA GLY C 8 -20.03 -7.90 65.64
C GLY C 8 -20.92 -6.79 66.17
N GLY C 9 -22.21 -7.02 66.36
CA GLY C 9 -23.09 -5.98 66.83
C GLY C 9 -23.00 -5.77 68.33
N GLY C 10 -23.56 -4.66 68.78
CA GLY C 10 -23.55 -4.32 70.18
C GLY C 10 -23.90 -2.86 70.39
N VAL C 11 -23.92 -2.47 71.66
CA VAL C 11 -24.27 -1.11 72.05
C VAL C 11 -22.99 -0.31 72.19
N VAL C 12 -22.97 0.89 71.60
CA VAL C 12 -21.80 1.75 71.61
C VAL C 12 -22.23 3.18 71.86
N GLN C 13 -21.29 4.00 72.31
CA GLN C 13 -21.57 5.41 72.55
C GLN C 13 -21.29 6.22 71.28
N PRO C 14 -21.97 7.36 71.11
CA PRO C 14 -21.76 8.17 69.92
C PRO C 14 -20.33 8.67 69.83
N GLY C 15 -19.84 8.81 68.60
CA GLY C 15 -18.49 9.26 68.34
C GLY C 15 -17.45 8.17 68.41
N ARG C 16 -17.82 6.95 68.77
CA ARG C 16 -16.88 5.84 68.85
C ARG C 16 -16.81 5.14 67.50
N SER C 17 -16.18 3.96 67.47
CA SER C 17 -16.06 3.19 66.25
C SER C 17 -16.40 1.73 66.52
N LEU C 18 -16.81 1.04 65.47
CA LEU C 18 -17.24 -0.34 65.57
C LEU C 18 -16.94 -1.04 64.24
N ARG C 19 -16.86 -2.37 64.29
CA ARG C 19 -16.53 -3.15 63.12
C ARG C 19 -17.42 -4.37 63.07
N LEU C 20 -17.96 -4.66 61.88
CA LEU C 20 -18.83 -5.80 61.66
C LEU C 20 -18.20 -6.74 60.63
N SER C 21 -18.48 -8.03 60.79
CA SER C 21 -17.97 -9.04 59.87
C SER C 21 -19.09 -10.01 59.50
N CYS C 22 -18.94 -10.63 58.33
CA CYS C 22 -19.93 -11.52 57.77
C CYS C 22 -19.21 -12.70 57.14
N ALA C 23 -19.46 -13.89 57.68
CA ALA C 23 -18.83 -15.11 57.20
C ALA C 23 -19.72 -15.80 56.18
N ALA C 24 -19.11 -16.31 55.12
CA ALA C 24 -19.84 -16.92 54.02
C ALA C 24 -19.33 -18.33 53.76
N SER C 25 -20.23 -19.17 53.25
CA SER C 25 -19.88 -20.55 52.94
C SER C 25 -20.97 -21.15 52.08
N GLY C 26 -20.59 -22.12 51.25
CA GLY C 26 -21.52 -22.79 50.37
C GLY C 26 -21.50 -22.34 48.93
N PHE C 27 -20.63 -21.40 48.58
CA PHE C 27 -20.50 -20.94 47.20
C PHE C 27 -19.12 -20.33 47.02
N THR C 28 -18.73 -20.15 45.77
CA THR C 28 -17.44 -19.54 45.48
C THR C 28 -17.51 -18.06 45.85
N PHE C 29 -16.93 -17.71 46.99
CA PHE C 29 -17.07 -16.34 47.50
C PHE C 29 -16.43 -15.33 46.58
N SER C 30 -15.41 -15.73 45.81
CA SER C 30 -14.65 -14.78 45.02
C SER C 30 -15.30 -14.44 43.69
N ASN C 31 -16.43 -15.04 43.37
CA ASN C 31 -17.11 -14.79 42.10
C ASN C 31 -18.26 -13.80 42.22
N TYR C 32 -18.60 -13.35 43.42
CA TYR C 32 -19.82 -12.60 43.64
C TYR C 32 -19.53 -11.28 44.34
N ALA C 33 -20.33 -10.27 44.04
CA ALA C 33 -20.28 -8.98 44.71
C ALA C 33 -21.29 -8.95 45.84
N MET C 34 -20.91 -8.29 46.93
CA MET C 34 -21.70 -8.31 48.15
C MET C 34 -22.11 -6.90 48.54
N HIS C 35 -23.27 -6.78 49.17
CA HIS C 35 -23.82 -5.50 49.59
C HIS C 35 -24.04 -5.51 51.09
N TRP C 36 -24.08 -4.31 51.66
CA TRP C 36 -24.48 -4.12 53.06
C TRP C 36 -25.78 -3.33 53.07
N VAL C 37 -26.76 -3.82 53.82
CA VAL C 37 -28.08 -3.22 53.90
C VAL C 37 -28.50 -3.16 55.36
N ARG C 38 -29.05 -2.03 55.78
CA ARG C 38 -29.51 -1.87 57.15
C ARG C 38 -31.01 -1.58 57.15
N GLN C 39 -31.63 -1.79 58.31
CA GLN C 39 -33.06 -1.54 58.45
C GLN C 39 -33.32 -1.04 59.86
N ALA C 40 -33.77 0.20 59.98
CA ALA C 40 -34.12 0.75 61.27
C ALA C 40 -35.31 -0.02 61.85
N PRO C 41 -35.44 -0.07 63.17
CA PRO C 41 -36.55 -0.84 63.78
C PRO C 41 -37.90 -0.32 63.34
N GLY C 42 -38.63 -1.17 62.61
CA GLY C 42 -39.95 -0.84 62.13
C GLY C 42 -39.99 0.05 60.90
N LYS C 43 -38.86 0.25 60.23
CA LYS C 43 -38.78 1.14 59.08
C LYS C 43 -38.39 0.34 57.84
N GLY C 44 -38.15 1.06 56.75
CA GLY C 44 -37.85 0.42 55.49
C GLY C 44 -36.40 0.09 55.33
N LEU C 45 -36.12 -0.75 54.32
CA LEU C 45 -34.76 -1.15 54.03
C LEU C 45 -33.97 0.03 53.48
N GLU C 46 -32.65 -0.05 53.63
CA GLU C 46 -31.79 1.03 53.17
C GLU C 46 -30.45 0.46 52.73
N TRP C 47 -30.00 0.86 51.55
CA TRP C 47 -28.72 0.43 51.02
C TRP C 47 -27.58 1.18 51.71
N VAL C 48 -26.45 0.50 51.88
CA VAL C 48 -25.32 1.11 52.58
C VAL C 48 -24.08 1.15 51.70
N ALA C 49 -23.58 0.00 51.28
CA ALA C 49 -22.33 -0.03 50.55
C ALA C 49 -22.27 -1.24 49.63
N PHE C 50 -21.36 -1.18 48.67
CA PHE C 50 -21.22 -2.20 47.65
C PHE C 50 -19.73 -2.42 47.40
N ILE C 51 -19.35 -3.68 47.19
CA ILE C 51 -17.97 -4.02 46.83
C ILE C 51 -18.00 -5.07 45.73
N SER C 52 -17.14 -4.90 44.73
CA SER C 52 -17.15 -5.79 43.58
C SER C 52 -16.57 -7.15 43.95
N TYR C 53 -16.56 -8.05 42.97
CA TYR C 53 -16.15 -9.42 43.25
C TYR C 53 -14.67 -9.51 43.59
N ASP C 54 -13.84 -8.68 42.96
CA ASP C 54 -12.41 -8.66 43.25
C ASP C 54 -12.02 -7.56 44.23
N GLY C 55 -12.96 -6.78 44.73
CA GLY C 55 -12.66 -5.75 45.69
C GLY C 55 -12.07 -4.48 45.11
N SER C 56 -12.04 -4.34 43.79
CA SER C 56 -11.43 -3.17 43.19
C SER C 56 -12.31 -1.94 43.27
N ASN C 57 -13.64 -2.10 43.24
CA ASN C 57 -14.57 -0.98 43.22
C ASN C 57 -15.46 -1.01 44.44
N LYS C 58 -15.55 0.13 45.13
CA LYS C 58 -16.38 0.29 46.30
C LYS C 58 -17.23 1.54 46.16
N TYR C 59 -18.49 1.46 46.58
CA TYR C 59 -19.40 2.59 46.52
C TYR C 59 -20.20 2.66 47.81
N TYR C 60 -20.43 3.88 48.28
CA TYR C 60 -21.10 4.10 49.56
C TYR C 60 -22.28 5.03 49.38
N ALA C 61 -23.30 4.83 50.19
CA ALA C 61 -24.45 5.73 50.19
C ALA C 61 -24.04 7.10 50.68
N ASP C 62 -24.75 8.14 50.21
CA ASP C 62 -24.38 9.50 50.55
C ASP C 62 -24.51 9.79 52.04
N SER C 63 -25.46 9.13 52.71
CA SER C 63 -25.67 9.41 54.14
C SER C 63 -24.50 8.92 54.98
N VAL C 64 -23.84 7.84 54.57
CA VAL C 64 -22.72 7.29 55.31
C VAL C 64 -21.41 7.48 54.55
N LYS C 65 -21.39 8.38 53.58
CA LYS C 65 -20.19 8.60 52.78
C LYS C 65 -19.07 9.15 53.65
N GLY C 66 -17.88 8.58 53.52
CA GLY C 66 -16.71 9.02 54.26
C GLY C 66 -16.54 8.40 55.63
N ARG C 67 -17.64 8.19 56.35
CA ARG C 67 -17.55 7.63 57.69
C ARG C 67 -17.24 6.14 57.66
N PHE C 68 -17.86 5.41 56.73
CA PHE C 68 -17.77 3.95 56.70
C PHE C 68 -16.66 3.49 55.76
N THR C 69 -16.38 2.20 55.80
CA THR C 69 -15.38 1.61 54.91
C THR C 69 -15.64 0.11 54.81
N ILE C 70 -15.74 -0.39 53.59
CA ILE C 70 -16.05 -1.78 53.32
C ILE C 70 -14.83 -2.46 52.74
N SER C 71 -14.67 -3.75 53.05
CA SER C 71 -13.55 -4.52 52.54
C SER C 71 -13.92 -5.99 52.58
N ARG C 72 -13.13 -6.80 51.89
CA ARG C 72 -13.38 -8.23 51.81
C ARG C 72 -12.04 -8.96 51.74
N ASP C 73 -12.08 -10.23 52.13
CA ASP C 73 -10.91 -11.11 52.10
C ASP C 73 -11.31 -12.40 51.40
N ASN C 74 -11.01 -12.50 50.11
CA ASN C 74 -11.39 -13.69 49.36
C ASN C 74 -10.68 -14.94 49.85
N SER C 75 -9.58 -14.79 50.60
CA SER C 75 -8.87 -15.95 51.11
C SER C 75 -9.60 -16.57 52.30
N LYS C 76 -10.22 -15.75 53.14
CA LYS C 76 -10.88 -16.23 54.35
C LYS C 76 -12.41 -16.19 54.23
N ASN C 77 -12.93 -15.91 53.04
CA ASN C 77 -14.38 -15.89 52.80
C ASN C 77 -15.09 -14.96 53.77
N THR C 78 -14.59 -13.73 53.88
CA THR C 78 -15.13 -12.77 54.85
C THR C 78 -15.13 -11.38 54.25
N LEU C 79 -16.19 -10.62 54.54
CA LEU C 79 -16.23 -9.20 54.24
C LEU C 79 -16.56 -8.45 55.52
N SER C 80 -16.06 -7.23 55.62
CA SER C 80 -16.15 -6.45 56.84
C SER C 80 -16.59 -5.03 56.54
N LEU C 81 -17.10 -4.34 57.55
CA LEU C 81 -17.54 -2.96 57.43
C LEU C 81 -17.03 -2.19 58.64
N GLN C 82 -16.05 -1.31 58.41
CA GLN C 82 -15.47 -0.48 59.46
C GLN C 82 -16.26 0.82 59.55
N MET C 83 -16.83 1.09 60.73
CA MET C 83 -17.65 2.26 60.95
C MET C 83 -16.96 3.20 61.93
N ASN C 84 -16.89 4.47 61.55
CA ASN C 84 -16.27 5.50 62.38
C ASN C 84 -17.25 6.67 62.53
N SER C 85 -17.13 7.36 63.66
CA SER C 85 -17.95 8.54 63.95
C SER C 85 -19.45 8.20 63.89
N LEU C 86 -19.85 7.24 64.70
CA LEU C 86 -21.24 6.81 64.70
C LEU C 86 -22.16 7.90 65.22
N ARG C 87 -23.45 7.74 64.97
CA ARG C 87 -24.45 8.71 65.37
C ARG C 87 -25.70 7.99 65.82
N ALA C 88 -26.68 8.77 66.27
CA ALA C 88 -27.92 8.20 66.79
C ALA C 88 -28.74 7.55 65.68
N GLU C 89 -28.73 8.14 64.49
CA GLU C 89 -29.54 7.66 63.38
C GLU C 89 -28.98 6.40 62.73
N ASP C 90 -27.86 5.88 63.22
CA ASP C 90 -27.28 4.65 62.66
C ASP C 90 -27.71 3.40 63.42
N THR C 91 -28.62 3.53 64.38
CA THR C 91 -29.16 2.38 65.08
C THR C 91 -30.08 1.61 64.15
N ALA C 92 -29.68 0.39 63.77
CA ALA C 92 -30.47 -0.40 62.84
C ALA C 92 -29.97 -1.84 62.88
N LEU C 93 -30.72 -2.72 62.22
CA LEU C 93 -30.34 -4.11 62.05
C LEU C 93 -29.65 -4.27 60.71
N TYR C 94 -28.40 -4.69 60.71
CA TYR C 94 -27.56 -4.67 59.52
C TYR C 94 -27.52 -6.05 58.88
N TYR C 95 -27.83 -6.10 57.59
CA TYR C 95 -27.84 -7.33 56.81
C TYR C 95 -26.59 -7.41 55.94
N CYS C 96 -26.36 -8.60 55.39
CA CYS C 96 -25.19 -8.89 54.57
C CYS C 96 -25.69 -9.71 53.38
N ALA C 97 -26.05 -9.03 52.30
CA ALA C 97 -26.83 -9.63 51.23
C ALA C 97 -26.00 -9.91 50.00
N ARG C 98 -26.57 -10.70 49.10
CA ARG C 98 -25.96 -11.05 47.81
C ARG C 98 -27.05 -10.92 46.76
N VAL C 99 -27.20 -9.74 46.18
CA VAL C 99 -28.35 -9.40 45.37
C VAL C 99 -27.91 -9.02 43.96
N PHE C 100 -28.90 -8.80 43.07
CA PHE C 100 -28.68 -8.69 41.63
C PHE C 100 -27.86 -9.85 41.08
N ASN C 101 -28.43 -11.05 41.12
CA ASN C 101 -27.77 -12.22 40.55
C ASN C 101 -28.64 -12.93 39.53
N GLY C 102 -29.71 -12.30 39.08
CA GLY C 102 -30.55 -12.91 38.06
C GLY C 102 -31.14 -14.22 38.52
N TYR C 103 -31.02 -15.23 37.68
CA TYR C 103 -31.58 -16.55 37.96
C TYR C 103 -30.72 -17.36 38.92
N GLU C 104 -29.69 -16.77 39.51
CA GLU C 104 -28.79 -17.50 40.39
C GLU C 104 -29.19 -17.42 41.86
N GLY C 105 -30.24 -16.70 42.18
CA GLY C 105 -30.72 -16.67 43.55
C GLY C 105 -30.05 -15.62 44.39
N ASP C 106 -30.83 -15.00 45.28
CA ASP C 106 -30.36 -13.96 46.18
C ASP C 106 -30.49 -14.45 47.61
N TYR C 107 -29.45 -14.24 48.41
CA TYR C 107 -29.41 -14.75 49.78
C TYR C 107 -29.13 -13.61 50.75
N TRP C 108 -29.69 -13.71 51.95
CA TRP C 108 -29.55 -12.69 52.97
C TRP C 108 -29.03 -13.31 54.25
N GLY C 109 -28.39 -12.47 55.06
CA GLY C 109 -28.01 -12.88 56.40
C GLY C 109 -29.18 -12.76 57.36
N GLN C 110 -28.88 -12.90 58.65
CA GLN C 110 -29.89 -12.79 59.68
C GLN C 110 -29.87 -11.45 60.39
N GLY C 111 -28.79 -10.68 60.29
CA GLY C 111 -28.79 -9.37 60.89
C GLY C 111 -28.13 -9.35 62.25
N THR C 112 -27.50 -8.21 62.55
CA THR C 112 -26.86 -8.00 63.84
C THR C 112 -27.30 -6.63 64.35
N LEU C 113 -28.17 -6.61 65.35
CA LEU C 113 -28.68 -5.34 65.86
C LEU C 113 -27.54 -4.48 66.39
N VAL C 114 -27.55 -3.20 66.03
CA VAL C 114 -26.56 -2.24 66.47
C VAL C 114 -27.30 -1.07 67.11
N THR C 115 -26.90 -0.71 68.32
CA THR C 115 -27.54 0.37 69.06
C THR C 115 -26.49 1.42 69.41
N VAL C 116 -26.86 2.69 69.25
CA VAL C 116 -26.01 3.81 69.61
C VAL C 116 -26.71 4.61 70.69
N SER C 117 -26.06 4.79 71.83
CA SER C 117 -26.67 5.48 72.96
C SER C 117 -25.99 6.81 73.24
N LEU D 4 -36.97 6.62 44.06
CA LEU D 4 -37.98 5.56 43.95
C LEU D 4 -39.05 5.73 45.01
N THR D 5 -40.32 5.74 44.59
CA THR D 5 -41.44 5.94 45.50
C THR D 5 -42.48 4.86 45.30
N GLN D 6 -43.15 4.50 46.39
CA GLN D 6 -44.21 3.51 46.38
C GLN D 6 -45.39 4.03 47.18
N PRO D 7 -46.60 3.53 46.92
CA PRO D 7 -47.75 3.91 47.74
C PRO D 7 -47.53 3.57 49.19
N PRO D 8 -48.00 4.42 50.12
CA PRO D 8 -47.80 4.12 51.53
C PRO D 8 -48.40 2.79 51.98
N SER D 9 -49.57 2.43 51.45
CA SER D 9 -50.20 1.18 51.84
C SER D 9 -51.23 0.79 50.80
N VAL D 10 -51.57 -0.50 50.77
CA VAL D 10 -52.54 -1.05 49.84
C VAL D 10 -53.40 -2.06 50.59
N SER D 11 -54.71 -1.97 50.42
CA SER D 11 -55.66 -2.91 51.00
C SER D 11 -56.45 -3.59 49.89
N VAL D 12 -56.59 -4.90 49.98
CA VAL D 12 -57.23 -5.69 48.94
C VAL D 12 -58.21 -6.66 49.58
N SER D 13 -59.34 -6.86 48.93
CA SER D 13 -60.26 -7.91 49.35
C SER D 13 -59.73 -9.26 48.90
N PRO D 14 -59.85 -10.30 49.73
CA PRO D 14 -59.37 -11.62 49.32
C PRO D 14 -60.10 -12.10 48.08
N GLY D 15 -59.34 -12.74 47.18
CA GLY D 15 -59.85 -13.18 45.90
C GLY D 15 -59.64 -12.18 44.79
N GLN D 16 -59.35 -10.93 45.11
CA GLN D 16 -59.08 -9.89 44.13
C GLN D 16 -57.58 -9.83 43.83
N THR D 17 -57.17 -8.81 43.09
CA THR D 17 -55.78 -8.62 42.71
C THR D 17 -55.34 -7.20 43.07
N ALA D 18 -54.13 -7.08 43.59
CA ALA D 18 -53.56 -5.79 43.98
C ALA D 18 -52.49 -5.36 42.97
N ARG D 19 -52.30 -4.05 42.85
CA ARG D 19 -51.27 -3.48 41.99
C ARG D 19 -50.33 -2.64 42.82
N ILE D 20 -49.05 -2.97 42.80
CA ILE D 20 -48.01 -2.23 43.51
C ILE D 20 -47.17 -1.53 42.46
N THR D 21 -47.01 -0.22 42.61
CA THR D 21 -46.31 0.59 41.62
C THR D 21 -45.06 1.23 42.25
N CYS D 22 -43.93 1.07 41.56
CA CYS D 22 -42.69 1.71 41.95
C CYS D 22 -42.30 2.67 40.85
N SER D 23 -42.41 3.97 41.12
CA SER D 23 -42.23 5.00 40.10
C SER D 23 -40.97 5.81 40.40
N GLY D 24 -40.12 5.97 39.41
CA GLY D 24 -38.93 6.77 39.58
C GLY D 24 -38.17 6.86 38.27
N ASP D 25 -37.24 7.81 38.24
CA ASP D 25 -36.39 7.98 37.08
C ASP D 25 -35.39 6.83 37.00
N ALA D 26 -34.74 6.73 35.84
CA ALA D 26 -33.70 5.76 35.51
C ALA D 26 -34.24 4.34 35.40
N LEU D 27 -35.52 4.11 35.71
CA LEU D 27 -36.16 2.83 35.43
C LEU D 27 -36.14 2.44 33.95
N PRO D 28 -36.32 3.38 33.00
CA PRO D 28 -36.25 2.96 31.59
C PRO D 28 -34.91 2.35 31.22
N LYS D 29 -33.83 2.76 31.86
CA LYS D 29 -32.50 2.23 31.55
C LYS D 29 -32.00 1.20 32.55
N LYS D 30 -32.80 0.83 33.54
CA LYS D 30 -32.33 -0.10 34.58
C LYS D 30 -33.39 -1.13 34.91
N TYR D 31 -32.93 -2.31 35.32
CA TYR D 31 -33.81 -3.35 35.82
C TYR D 31 -34.36 -2.97 37.19
N ALA D 32 -35.29 -3.77 37.68
CA ALA D 32 -35.84 -3.59 39.01
C ALA D 32 -36.24 -4.94 39.57
N TYR D 33 -35.73 -5.27 40.75
CA TYR D 33 -36.13 -6.47 41.45
C TYR D 33 -37.18 -6.13 42.50
N TRP D 34 -37.97 -7.14 42.86
CA TRP D 34 -39.01 -6.98 43.87
C TRP D 34 -38.77 -7.96 45.00
N TYR D 35 -38.89 -7.47 46.24
CA TYR D 35 -38.62 -8.25 47.42
C TYR D 35 -39.82 -8.26 48.34
N GLN D 36 -40.03 -9.39 49.01
CA GLN D 36 -41.11 -9.57 49.96
C GLN D 36 -40.53 -9.85 51.33
N GLN D 37 -41.03 -9.15 52.35
CA GLN D 37 -40.53 -9.32 53.72
C GLN D 37 -41.70 -9.45 54.68
N LYS D 38 -42.01 -10.68 55.07
CA LYS D 38 -42.96 -10.87 56.16
C LYS D 38 -42.35 -10.40 57.47
N SER D 39 -43.20 -10.21 58.47
CA SER D 39 -42.74 -9.69 59.75
C SER D 39 -41.76 -10.66 60.40
N GLY D 40 -40.61 -10.14 60.81
CA GLY D 40 -39.63 -10.91 61.57
C GLY D 40 -38.61 -11.67 60.74
N GLN D 41 -38.74 -11.68 59.42
CA GLN D 41 -37.85 -12.48 58.57
C GLN D 41 -37.04 -11.58 57.66
N ALA D 42 -36.05 -12.17 57.03
CA ALA D 42 -35.29 -11.53 55.97
C ALA D 42 -36.11 -11.51 54.67
N PRO D 43 -35.92 -10.49 53.84
CA PRO D 43 -36.71 -10.39 52.61
C PRO D 43 -36.43 -11.53 51.65
N VAL D 44 -37.41 -11.81 50.81
CA VAL D 44 -37.37 -12.91 49.85
C VAL D 44 -37.61 -12.36 48.46
N LEU D 45 -36.75 -12.73 47.51
CA LEU D 45 -36.91 -12.27 46.14
C LEU D 45 -38.15 -12.87 45.51
N VAL D 46 -38.90 -12.05 44.77
CA VAL D 46 -40.17 -12.43 44.18
C VAL D 46 -40.15 -12.29 42.67
N ILE D 47 -39.71 -11.13 42.18
CA ILE D 47 -39.65 -10.85 40.74
C ILE D 47 -38.30 -10.25 40.43
N TYR D 48 -37.61 -10.76 39.43
CA TYR D 48 -36.33 -10.22 39.01
C TYR D 48 -36.35 -9.90 37.54
N GLU D 49 -35.68 -8.79 37.18
CA GLU D 49 -35.62 -8.29 35.81
C GLU D 49 -37.01 -7.98 35.27
N ASP D 50 -37.90 -7.55 36.16
CA ASP D 50 -39.18 -6.93 35.87
C ASP D 50 -40.27 -7.87 35.37
N SER D 51 -39.92 -9.11 35.00
CA SER D 51 -40.94 -10.01 34.52
C SER D 51 -40.74 -11.46 34.92
N LYS D 52 -39.67 -11.81 35.60
CA LYS D 52 -39.29 -13.20 35.77
C LYS D 52 -39.54 -13.67 37.19
N ARG D 53 -40.01 -14.91 37.31
CA ARG D 53 -40.28 -15.51 38.61
C ARG D 53 -39.23 -16.56 38.92
N PRO D 54 -38.57 -16.49 40.07
CA PRO D 54 -37.68 -17.58 40.47
C PRO D 54 -38.47 -18.84 40.76
N SER D 55 -37.80 -19.98 40.61
CA SER D 55 -38.42 -21.26 40.90
C SER D 55 -38.83 -21.33 42.36
N GLY D 56 -40.03 -21.86 42.60
CA GLY D 56 -40.59 -21.95 43.93
C GLY D 56 -41.50 -20.81 44.32
N ILE D 57 -41.92 -19.98 43.37
CA ILE D 57 -42.77 -18.83 43.65
C ILE D 57 -44.12 -19.06 42.97
N PRO D 58 -45.24 -18.74 43.63
CA PRO D 58 -46.55 -18.98 43.04
C PRO D 58 -46.70 -18.24 41.71
N GLU D 59 -47.43 -18.87 40.79
CA GLU D 59 -47.64 -18.30 39.47
C GLU D 59 -48.53 -17.06 39.51
N ARG D 60 -49.13 -16.74 40.65
CA ARG D 60 -49.98 -15.57 40.78
C ARG D 60 -49.21 -14.27 40.81
N PHE D 61 -47.89 -14.32 40.90
CA PHE D 61 -47.06 -13.12 40.93
C PHE D 61 -46.64 -12.75 39.52
N SER D 62 -46.82 -11.49 39.15
CA SER D 62 -46.41 -11.02 37.84
C SER D 62 -46.11 -9.54 37.92
N GLY D 63 -45.29 -9.07 36.99
CA GLY D 63 -44.91 -7.68 36.98
C GLY D 63 -44.43 -7.24 35.61
N SER D 64 -44.35 -5.92 35.45
CA SER D 64 -43.92 -5.34 34.19
C SER D 64 -43.49 -3.91 34.43
N SER D 65 -42.80 -3.35 33.45
CA SER D 65 -42.36 -1.96 33.49
C SER D 65 -42.81 -1.24 32.22
N SER D 66 -43.03 0.06 32.33
CA SER D 66 -43.46 0.85 31.18
C SER D 66 -42.99 2.28 31.39
N GLY D 67 -41.86 2.63 30.77
CA GLY D 67 -41.39 4.00 30.76
C GLY D 67 -40.70 4.40 32.04
N THR D 68 -41.47 4.72 33.07
CA THR D 68 -40.91 5.02 34.38
C THR D 68 -41.73 4.39 35.49
N MET D 69 -42.57 3.41 35.18
CA MET D 69 -43.48 2.82 36.14
C MET D 69 -43.27 1.31 36.14
N ALA D 70 -42.89 0.77 37.30
CA ALA D 70 -42.75 -0.66 37.47
C ALA D 70 -43.89 -1.15 38.36
N THR D 71 -44.61 -2.16 37.89
CA THR D 71 -45.84 -2.60 38.53
C THR D 71 -45.72 -4.06 38.92
N LEU D 72 -46.18 -4.38 40.14
CA LEU D 72 -46.24 -5.75 40.63
C LEU D 72 -47.70 -6.08 40.92
N THR D 73 -48.14 -7.24 40.44
CA THR D 73 -49.53 -7.66 40.58
C THR D 73 -49.58 -9.00 41.29
N ILE D 74 -50.45 -9.10 42.29
CA ILE D 74 -50.68 -10.36 43.01
C ILE D 74 -52.02 -10.88 42.53
N SER D 75 -52.00 -11.90 41.68
CA SER D 75 -53.25 -12.48 41.18
C SER D 75 -53.92 -13.30 42.27
N GLY D 76 -55.20 -13.06 42.49
CA GLY D 76 -55.92 -13.75 43.54
C GLY D 76 -55.32 -13.51 44.91
N ALA D 77 -55.34 -12.27 45.36
CA ALA D 77 -54.77 -11.93 46.66
C ALA D 77 -55.47 -12.70 47.76
N GLN D 78 -54.62 -13.37 48.56
CA GLN D 78 -55.08 -14.24 49.68
C GLN D 78 -54.32 -13.85 50.95
N VAL D 79 -54.48 -14.56 52.05
CA VAL D 79 -53.86 -14.10 53.34
C VAL D 79 -52.35 -14.38 53.39
N GLU D 80 -51.85 -15.30 52.58
CA GLU D 80 -50.41 -15.65 52.68
C GLU D 80 -49.57 -14.60 51.99
N ASP D 81 -50.11 -13.39 51.84
CA ASP D 81 -49.36 -12.34 51.11
C ASP D 81 -49.22 -11.13 52.01
N GLU D 82 -49.90 -11.10 53.14
CA GLU D 82 -49.66 -9.98 54.07
C GLU D 82 -48.16 -9.89 54.24
N ALA D 83 -47.54 -8.86 53.70
CA ALA D 83 -46.11 -8.64 53.71
C ALA D 83 -45.85 -7.19 53.34
N ASP D 84 -44.57 -6.82 53.38
CA ASP D 84 -44.10 -5.51 52.93
C ASP D 84 -43.24 -5.71 51.70
N TYR D 85 -43.59 -5.03 50.62
CA TYR D 85 -42.92 -5.20 49.34
C TYR D 85 -42.08 -3.97 49.04
N TYR D 86 -40.85 -4.21 48.58
CA TYR D 86 -39.92 -3.15 48.24
C TYR D 86 -39.41 -3.37 46.83
N CYS D 87 -39.21 -2.27 46.09
CA CYS D 87 -38.59 -2.34 44.78
C CYS D 87 -37.13 -1.95 44.92
N TYR D 88 -36.27 -2.71 44.24
CA TYR D 88 -34.82 -2.53 44.33
C TYR D 88 -34.29 -2.24 42.94
N SER D 89 -33.52 -1.17 42.81
CA SER D 89 -32.94 -0.81 41.53
C SER D 89 -31.75 0.10 41.79
N THR D 90 -31.25 0.73 40.74
CA THR D 90 -30.08 1.58 40.83
C THR D 90 -30.34 2.90 40.10
N ASP D 91 -29.52 3.90 40.40
CA ASP D 91 -29.68 5.21 39.81
C ASP D 91 -29.06 5.24 38.41
N SER D 92 -28.91 6.44 37.85
CA SER D 92 -28.62 6.59 36.43
C SER D 92 -27.33 5.88 36.02
N SER D 93 -26.27 6.04 36.82
CA SER D 93 -25.04 5.29 36.60
C SER D 93 -25.02 4.12 37.56
N GLY D 94 -24.87 2.91 37.04
CA GLY D 94 -25.08 1.74 37.86
C GLY D 94 -24.04 1.54 38.94
N ASN D 95 -23.89 2.55 39.80
CA ASN D 95 -22.95 2.48 40.90
C ASN D 95 -23.60 2.70 42.26
N LEU D 96 -24.76 3.33 42.34
CA LEU D 96 -25.46 3.51 43.60
C LEU D 96 -26.82 2.84 43.50
N TYR D 97 -27.09 1.91 44.40
CA TYR D 97 -28.35 1.22 44.46
C TYR D 97 -29.28 1.92 45.44
N VAL D 98 -30.57 1.62 45.33
CA VAL D 98 -31.57 2.32 46.14
C VAL D 98 -32.78 1.43 46.28
N PHE D 99 -33.39 1.46 47.46
CA PHE D 99 -34.60 0.73 47.75
C PHE D 99 -35.79 1.66 47.67
N GLY D 100 -36.96 1.08 47.41
CA GLY D 100 -38.17 1.86 47.42
C GLY D 100 -38.58 2.22 48.83
N THR D 101 -39.59 3.08 48.93
CA THR D 101 -40.11 3.45 50.24
C THR D 101 -40.94 2.37 50.87
N GLY D 102 -41.29 1.31 50.13
CA GLY D 102 -41.96 0.17 50.71
C GLY D 102 -43.45 0.34 50.86
N THR D 103 -44.20 -0.73 50.61
CA THR D 103 -45.65 -0.71 50.73
C THR D 103 -46.12 -1.90 51.53
N LYS D 104 -47.21 -1.71 52.26
CA LYS D 104 -47.80 -2.75 53.09
C LYS D 104 -49.09 -3.24 52.46
N VAL D 105 -49.22 -4.56 52.33
CA VAL D 105 -50.36 -5.18 51.67
C VAL D 105 -51.23 -5.82 52.74
N THR D 106 -52.51 -5.47 52.74
CA THR D 106 -53.47 -5.99 53.71
C THR D 106 -54.62 -6.67 52.97
N VAL D 107 -54.93 -7.90 53.37
CA VAL D 107 -56.08 -8.62 52.84
C VAL D 107 -57.20 -8.55 53.88
N LEU D 108 -58.44 -8.57 53.41
CA LEU D 108 -59.58 -8.43 54.31
C LEU D 108 -60.35 -9.73 54.45
N HIS E 5 9.15 -16.77 -7.14
CA HIS E 5 9.08 -18.19 -6.75
C HIS E 5 8.02 -18.94 -7.57
N HIS E 6 8.24 -20.23 -7.83
CA HIS E 6 7.26 -21.04 -8.61
C HIS E 6 6.38 -21.84 -7.66
N GLY E 7 5.09 -21.97 -7.99
CA GLY E 7 4.18 -22.75 -7.17
C GLY E 7 2.84 -22.97 -7.84
N CYS E 8 1.97 -23.65 -7.11
CA CYS E 8 0.62 -23.97 -7.54
C CYS E 8 -0.33 -23.76 -6.37
N SER E 9 -1.61 -23.55 -6.68
CA SER E 9 -2.57 -23.26 -5.63
C SER E 9 -3.95 -23.74 -6.06
N VAL E 10 -4.86 -23.82 -5.09
CA VAL E 10 -6.22 -24.27 -5.30
C VAL E 10 -7.16 -23.31 -4.61
N ASP E 11 -8.35 -23.14 -5.17
CA ASP E 11 -9.39 -22.25 -4.65
C ASP E 11 -10.66 -23.06 -4.43
N PHE E 12 -10.94 -23.45 -3.19
CA PHE E 12 -12.13 -24.26 -2.93
C PHE E 12 -13.42 -23.51 -3.19
N SER E 13 -13.39 -22.18 -3.19
CA SER E 13 -14.61 -21.41 -3.47
C SER E 13 -15.07 -21.63 -4.90
N LYS E 14 -14.16 -21.45 -5.86
CA LYS E 14 -14.48 -21.63 -7.27
C LYS E 14 -14.21 -23.04 -7.76
N LYS E 15 -13.56 -23.87 -6.95
CA LYS E 15 -13.22 -25.24 -7.31
C LYS E 15 -12.34 -25.29 -8.55
N GLU E 16 -11.18 -24.64 -8.45
CA GLU E 16 -10.25 -24.57 -9.56
C GLU E 16 -8.83 -24.50 -9.03
N THR E 17 -7.88 -24.94 -9.86
CA THR E 17 -6.47 -24.95 -9.53
C THR E 17 -5.69 -24.25 -10.62
N ARG E 18 -4.45 -23.89 -10.32
CA ARG E 18 -3.59 -23.26 -11.31
C ARG E 18 -2.15 -23.32 -10.82
N CYS E 19 -1.23 -23.02 -11.72
CA CYS E 19 0.19 -22.99 -11.43
C CYS E 19 0.80 -21.76 -12.09
N GLY E 20 2.05 -21.48 -11.75
CA GLY E 20 2.75 -20.35 -12.33
C GLY E 20 3.82 -19.86 -11.38
N THR E 21 4.24 -18.62 -11.62
CA THR E 21 5.27 -17.97 -10.82
C THR E 21 4.76 -16.62 -10.34
N GLY E 22 5.29 -16.17 -9.20
CA GLY E 22 4.85 -14.91 -8.62
C GLY E 22 5.33 -14.68 -7.21
N VAL E 23 4.49 -14.08 -6.38
CA VAL E 23 4.81 -13.78 -4.99
C VAL E 23 3.68 -14.31 -4.12
N PHE E 24 4.03 -15.08 -3.09
CA PHE E 24 3.05 -15.71 -2.23
C PHE E 24 3.30 -15.32 -0.78
N VAL E 25 2.22 -15.08 -0.05
CA VAL E 25 2.27 -14.69 1.36
C VAL E 25 1.51 -15.74 2.16
N TYR E 26 2.18 -16.34 3.14
CA TYR E 26 1.68 -17.50 3.85
C TYR E 26 1.21 -17.11 5.26
N ASN E 27 0.12 -17.71 5.68
CA ASN E 27 -0.41 -17.51 7.03
C ASN E 27 0.34 -18.44 7.97
N ASP E 28 1.28 -17.90 8.73
CA ASP E 28 2.00 -18.67 9.75
C ASP E 28 1.66 -18.22 11.16
N VAL E 29 0.51 -17.58 11.35
CA VAL E 29 0.05 -17.19 12.67
C VAL E 29 -0.88 -18.28 13.19
N GLU E 30 -1.99 -18.49 12.50
CA GLU E 30 -2.86 -19.60 12.83
C GLU E 30 -2.12 -20.91 12.61
N ALA E 31 -2.34 -21.86 13.51
CA ALA E 31 -1.52 -23.07 13.60
C ALA E 31 -0.04 -22.70 13.76
N TRP E 32 0.24 -21.84 14.75
CA TRP E 32 1.59 -21.37 14.98
C TRP E 32 2.49 -22.50 15.43
N ARG E 33 3.33 -22.98 14.52
CA ARG E 33 4.35 -23.96 14.87
C ARG E 33 5.65 -23.20 15.15
N ASP E 34 6.68 -23.93 15.58
CA ASP E 34 8.01 -23.36 15.80
C ASP E 34 8.96 -24.07 14.87
N ARG E 35 9.04 -23.58 13.64
CA ARG E 35 9.81 -24.21 12.58
C ARG E 35 11.15 -23.52 12.34
N TYR E 36 11.56 -22.61 13.21
CA TYR E 36 12.76 -21.83 13.02
C TYR E 36 13.71 -22.03 14.18
N LYS E 37 14.99 -22.15 13.87
CA LYS E 37 16.04 -22.27 14.86
C LYS E 37 16.88 -21.00 14.83
N TYR E 38 16.47 -20.01 15.62
CA TYR E 38 17.11 -18.70 15.64
C TYR E 38 18.51 -18.82 16.22
N HIS E 39 19.32 -17.80 15.97
CA HIS E 39 20.55 -17.66 16.69
C HIS E 39 21.06 -16.25 16.50
N PRO E 40 21.41 -15.57 17.57
CA PRO E 40 21.81 -14.17 17.47
C PRO E 40 23.18 -13.97 16.84
N ASP E 41 23.67 -12.74 16.90
CA ASP E 41 24.89 -12.32 16.20
C ASP E 41 26.01 -13.34 16.32
N SER E 42 26.48 -13.57 17.53
CA SER E 42 27.59 -14.48 17.79
C SER E 42 27.70 -14.68 19.30
N PRO E 43 28.08 -15.87 19.76
CA PRO E 43 28.16 -16.10 21.22
C PRO E 43 29.03 -15.08 21.92
N ARG E 44 30.27 -14.92 21.46
CA ARG E 44 31.16 -13.97 22.11
C ARG E 44 30.69 -12.53 21.93
N ARG E 45 30.16 -12.20 20.74
CA ARG E 45 29.68 -10.85 20.51
C ARG E 45 28.46 -10.53 21.37
N LEU E 46 27.51 -11.46 21.44
CA LEU E 46 26.34 -11.24 22.29
C LEU E 46 26.73 -11.15 23.75
N ALA E 47 27.66 -11.99 24.20
CA ALA E 47 28.11 -11.92 25.58
C ALA E 47 28.77 -10.58 25.87
N ALA E 48 29.60 -10.09 24.94
CA ALA E 48 30.24 -8.80 25.14
C ALA E 48 29.21 -7.67 25.21
N ALA E 49 28.21 -7.72 24.34
CA ALA E 49 27.17 -6.69 24.35
C ALA E 49 26.40 -6.72 25.66
N VAL E 50 26.05 -7.91 26.15
CA VAL E 50 25.33 -8.02 27.41
C VAL E 50 26.17 -7.47 28.55
N LYS E 51 27.46 -7.82 28.58
CA LYS E 51 28.33 -7.35 29.65
C LYS E 51 28.45 -5.83 29.63
N GLN E 52 28.68 -5.25 28.45
CA GLN E 52 28.83 -3.81 28.36
C GLN E 52 27.54 -3.11 28.79
N ALA E 53 26.38 -3.65 28.39
CA ALA E 53 25.12 -3.09 28.83
C ALA E 53 24.99 -3.16 30.34
N TRP E 54 25.43 -4.26 30.94
CA TRP E 54 25.36 -4.39 32.39
C TRP E 54 26.20 -3.33 33.08
N GLU E 55 27.42 -3.08 32.58
CA GLU E 55 28.19 -1.98 33.17
C GLU E 55 27.66 -0.61 32.77
N ASP E 56 26.73 -0.53 31.83
CA ASP E 56 26.13 0.75 31.48
C ASP E 56 24.79 0.99 32.17
N GLY E 57 24.52 0.28 33.26
CA GLY E 57 23.29 0.47 34.00
C GLY E 57 22.02 0.05 33.29
N ILE E 58 22.03 -1.11 32.65
CA ILE E 58 20.84 -1.69 32.04
C ILE E 58 20.63 -3.06 32.68
N CYS E 59 19.54 -3.20 33.42
CA CYS E 59 19.34 -4.39 34.24
C CYS E 59 18.55 -5.49 33.53
N GLY E 60 18.07 -5.26 32.32
CA GLY E 60 17.26 -6.30 31.70
C GLY E 60 16.81 -5.91 30.32
N ILE E 61 16.01 -6.80 29.74
CA ILE E 61 15.52 -6.67 28.38
C ILE E 61 14.03 -6.95 28.34
N SER E 62 13.29 -6.07 27.67
N SER E 62 13.29 -6.07 27.67
CA SER E 62 11.85 -6.22 27.48
CA SER E 62 11.85 -6.22 27.48
C SER E 62 11.62 -6.66 26.03
C SER E 62 11.62 -6.66 26.03
N SER E 63 11.19 -7.90 25.85
CA SER E 63 11.07 -8.46 24.50
C SER E 63 10.04 -7.73 23.68
N VAL E 64 10.33 -7.58 22.39
CA VAL E 64 9.44 -6.84 21.49
C VAL E 64 8.37 -7.76 20.91
N SER E 65 8.63 -9.07 20.89
CA SER E 65 7.67 -10.03 20.36
C SER E 65 7.98 -11.39 20.96
N ARG E 66 7.19 -12.39 20.57
CA ARG E 66 7.43 -13.74 21.05
C ARG E 66 8.67 -14.35 20.40
N MET E 67 9.02 -13.90 19.20
CA MET E 67 10.22 -14.41 18.55
C MET E 67 11.45 -14.12 19.38
N GLU E 68 11.60 -12.88 19.86
CA GLU E 68 12.76 -12.52 20.66
C GLU E 68 12.77 -13.31 21.97
N ASN E 69 11.61 -13.50 22.57
CA ASN E 69 11.53 -14.25 23.82
C ASN E 69 11.99 -15.70 23.61
N ILE E 70 11.52 -16.33 22.53
CA ILE E 70 11.93 -17.70 22.25
C ILE E 70 13.42 -17.77 21.96
N MET E 71 13.95 -16.78 21.24
CA MET E 71 15.37 -16.73 20.95
C MET E 71 16.19 -16.69 22.24
N TRP E 72 15.83 -15.78 23.15
CA TRP E 72 16.54 -15.69 24.42
C TRP E 72 16.42 -16.99 25.20
N ARG E 73 15.23 -17.57 25.24
CA ARG E 73 15.03 -18.81 25.98
C ARG E 73 15.92 -19.92 25.44
N SER E 74 16.12 -19.95 24.12
CA SER E 74 16.94 -21.00 23.54
C SER E 74 18.42 -20.77 23.78
N VAL E 75 18.88 -19.52 23.78
CA VAL E 75 20.32 -19.28 23.84
C VAL E 75 20.79 -18.94 25.24
N GLU E 76 19.89 -19.02 26.23
CA GLU E 76 20.24 -18.69 27.60
C GLU E 76 21.42 -19.50 28.11
N GLY E 77 21.37 -20.83 27.95
CA GLY E 77 22.40 -21.67 28.53
C GLY E 77 23.76 -21.45 27.90
N GLU E 78 23.80 -21.37 26.58
CA GLU E 78 25.04 -21.09 25.88
C GLU E 78 25.63 -19.75 26.32
N LEU E 79 24.77 -18.74 26.43
CA LEU E 79 25.24 -17.42 26.85
C LEU E 79 25.81 -17.47 28.25
N ASN E 80 25.15 -18.19 29.16
CA ASN E 80 25.66 -18.29 30.53
C ASN E 80 27.00 -18.99 30.56
N ALA E 81 27.16 -20.07 29.79
CA ALA E 81 28.44 -20.78 29.76
C ALA E 81 29.55 -19.87 29.21
N ILE E 82 29.26 -19.13 28.15
CA ILE E 82 30.27 -18.23 27.60
C ILE E 82 30.64 -17.15 28.60
N LEU E 83 29.64 -16.60 29.29
CA LEU E 83 29.91 -15.56 30.28
C LEU E 83 30.77 -16.09 31.42
N GLU E 84 30.50 -17.32 31.87
CA GLU E 84 31.30 -17.89 32.94
C GLU E 84 32.71 -18.19 32.49
N GLU E 85 32.89 -18.67 31.26
CA GLU E 85 34.22 -19.04 30.79
C GLU E 85 35.18 -17.86 30.78
N ASN E 86 34.68 -16.64 30.75
CA ASN E 86 35.51 -15.44 30.83
C ASN E 86 35.58 -14.87 32.22
N GLY E 87 35.06 -15.59 33.22
CA GLY E 87 35.10 -15.11 34.59
C GLY E 87 34.30 -13.86 34.82
N VAL E 88 33.07 -13.81 34.32
CA VAL E 88 32.18 -12.67 34.49
C VAL E 88 31.08 -13.07 35.46
N GLN E 89 30.91 -12.29 36.54
CA GLN E 89 29.90 -12.57 37.55
C GLN E 89 28.58 -11.95 37.08
N LEU E 90 27.90 -12.68 36.22
CA LEU E 90 26.63 -12.23 35.64
C LEU E 90 25.88 -13.39 35.04
N THR E 91 24.62 -13.57 35.43
CA THR E 91 23.80 -14.65 34.90
C THR E 91 22.56 -14.06 34.25
N VAL E 92 22.12 -14.70 33.17
CA VAL E 92 20.96 -14.27 32.40
C VAL E 92 19.83 -15.24 32.68
N VAL E 93 18.71 -14.70 33.16
CA VAL E 93 17.53 -15.49 33.48
C VAL E 93 16.36 -15.01 32.62
N VAL E 94 15.65 -15.96 32.02
CA VAL E 94 14.62 -15.66 31.04
C VAL E 94 13.27 -16.09 31.62
N GLY E 95 12.36 -15.13 31.77
CA GLY E 95 11.03 -15.39 32.26
C GLY E 95 10.00 -15.42 31.13
N SER E 96 8.74 -15.46 31.54
CA SER E 96 7.63 -15.50 30.59
C SER E 96 7.19 -14.10 30.21
N VAL E 97 6.43 -14.02 29.13
CA VAL E 97 5.99 -12.75 28.58
C VAL E 97 4.51 -12.58 28.81
N LYS E 98 4.08 -11.34 29.01
CA LYS E 98 2.68 -11.02 29.23
C LYS E 98 2.29 -9.78 28.42
N ASN E 99 1.12 -9.82 27.82
CA ASN E 99 0.65 -8.76 26.96
C ASN E 99 0.04 -7.62 27.78
N PRO E 100 0.14 -6.37 27.30
CA PRO E 100 0.90 -5.94 26.13
C PRO E 100 2.38 -5.83 26.45
N MET E 101 3.23 -5.86 25.44
CA MET E 101 4.67 -5.79 25.63
C MET E 101 5.09 -4.33 25.53
N TRP E 102 5.22 -3.66 26.68
CA TRP E 102 5.45 -2.24 26.71
C TRP E 102 6.86 -1.91 26.24
N ARG E 103 7.04 -0.66 25.83
CA ARG E 103 8.31 -0.19 25.30
C ARG E 103 9.34 0.00 26.41
N GLY E 104 10.60 -0.07 26.04
CA GLY E 104 11.68 0.32 26.90
C GLY E 104 12.53 1.38 26.22
N PRO E 105 13.05 2.33 26.99
CA PRO E 105 13.79 3.45 26.40
C PRO E 105 15.26 3.19 26.13
N GLN E 106 15.77 1.98 26.37
CA GLN E 106 17.19 1.69 26.22
C GLN E 106 17.42 0.79 25.01
N ARG E 107 18.68 0.72 24.60
CA ARG E 107 19.10 -0.14 23.49
C ARG E 107 20.39 -0.84 23.85
N LEU E 108 20.56 -2.06 23.31
CA LEU E 108 21.80 -2.79 23.53
C LEU E 108 22.93 -2.16 22.72
N PRO E 109 24.08 -1.90 23.32
CA PRO E 109 25.19 -1.31 22.57
C PRO E 109 25.99 -2.36 21.80
N VAL E 110 26.45 -1.96 20.62
CA VAL E 110 27.30 -2.83 19.80
C VAL E 110 28.68 -2.89 20.43
N PRO E 111 29.22 -4.07 20.71
CA PRO E 111 30.53 -4.16 21.34
C PRO E 111 31.65 -3.93 20.35
N VAL E 112 32.64 -3.13 20.76
CA VAL E 112 33.78 -2.88 19.90
C VAL E 112 34.60 -4.16 19.70
N ASN E 113 34.81 -4.92 20.77
CA ASN E 113 35.58 -6.14 20.72
C ASN E 113 34.81 -7.27 21.39
N GLU E 114 34.81 -8.43 20.76
CA GLU E 114 34.15 -9.58 21.34
C GLU E 114 34.98 -10.16 22.49
N LEU E 115 34.36 -11.04 23.26
CA LEU E 115 35.06 -11.67 24.37
C LEU E 115 36.12 -12.63 23.83
N PRO E 116 37.22 -12.80 24.57
CA PRO E 116 38.34 -13.61 24.06
C PRO E 116 38.07 -15.11 24.05
N HIS E 117 37.42 -15.62 25.09
CA HIS E 117 37.21 -17.05 25.25
C HIS E 117 35.83 -17.46 24.73
N GLY E 118 35.64 -18.76 24.61
CA GLY E 118 34.41 -19.34 24.12
C GLY E 118 34.58 -19.90 22.72
N TRP E 119 33.49 -20.43 22.20
CA TRP E 119 33.45 -20.99 20.86
C TRP E 119 32.81 -19.99 19.90
N LYS E 120 32.66 -20.38 18.63
CA LYS E 120 32.26 -19.45 17.59
C LYS E 120 30.99 -19.89 16.85
N ALA E 121 30.13 -20.67 17.50
CA ALA E 121 28.89 -21.09 16.86
C ALA E 121 27.86 -21.44 17.92
N TRP E 122 26.60 -21.44 17.53
CA TRP E 122 25.51 -21.78 18.43
C TRP E 122 25.20 -23.28 18.36
N GLY E 123 26.25 -24.06 18.58
CA GLY E 123 26.12 -25.51 18.64
C GLY E 123 26.50 -25.99 20.03
N LYS E 124 25.85 -27.08 20.46
CA LYS E 124 26.05 -27.59 21.81
C LYS E 124 27.50 -28.00 22.04
N SER E 125 28.22 -27.23 22.84
CA SER E 125 29.60 -27.54 23.19
C SER E 125 29.69 -28.30 24.52
N TYR E 126 29.07 -29.50 24.54
CA TYR E 126 29.07 -30.43 25.66
C TYR E 126 28.31 -29.91 26.87
N PHE E 127 27.75 -28.70 26.80
CA PHE E 127 26.77 -28.17 27.76
C PHE E 127 27.15 -28.45 29.22
N VAL E 128 28.27 -27.85 29.64
CA VAL E 128 28.67 -27.86 31.04
C VAL E 128 28.06 -26.62 31.69
N ARG E 129 27.03 -26.82 32.51
CA ARG E 129 26.24 -25.70 32.99
C ARG E 129 27.08 -24.79 33.88
N ALA E 130 26.73 -23.50 33.88
CA ALA E 130 27.42 -22.52 34.70
C ALA E 130 26.83 -22.51 36.11
N ALA E 131 27.32 -21.59 36.94
CA ALA E 131 26.91 -21.49 38.33
C ALA E 131 26.16 -20.18 38.57
N LYS E 132 25.12 -20.25 39.40
CA LYS E 132 24.32 -19.08 39.71
C LYS E 132 25.17 -18.02 40.40
N THR E 133 24.88 -16.76 40.12
CA THR E 133 25.61 -15.65 40.69
C THR E 133 24.64 -14.65 41.30
N ASN E 134 25.19 -13.70 42.05
CA ASN E 134 24.36 -12.67 42.66
C ASN E 134 23.76 -11.74 41.60
N ASN E 135 24.60 -11.24 40.69
CA ASN E 135 24.12 -10.36 39.64
C ASN E 135 23.26 -11.12 38.65
N SER E 136 22.14 -10.51 38.26
CA SER E 136 21.20 -11.14 37.35
C SER E 136 20.79 -10.16 36.27
N PHE E 137 20.52 -10.69 35.07
CA PHE E 137 20.12 -9.92 33.90
C PHE E 137 18.79 -10.49 33.46
N VAL E 138 17.70 -9.83 33.85
CA VAL E 138 16.37 -10.42 33.70
C VAL E 138 15.83 -10.11 32.32
N VAL E 139 15.44 -11.14 31.61
CA VAL E 139 14.62 -11.02 30.42
C VAL E 139 13.17 -11.11 30.87
N ASP E 140 12.28 -10.46 30.14
CA ASP E 140 10.93 -10.14 30.61
C ASP E 140 10.29 -11.28 31.40
N GLY E 141 9.88 -10.98 32.60
CA GLY E 141 9.14 -11.92 33.43
C GLY E 141 8.30 -11.13 34.40
N ASP E 142 8.07 -11.70 35.57
CA ASP E 142 7.39 -10.99 36.65
C ASP E 142 8.42 -10.36 37.59
N THR E 143 9.24 -9.48 37.02
CA THR E 143 10.39 -8.92 37.72
C THR E 143 10.44 -7.41 37.56
N LEU E 144 9.28 -6.75 37.59
CA LEU E 144 9.27 -5.30 37.46
C LEU E 144 9.85 -4.60 38.67
N LYS E 145 9.62 -5.12 39.87
CA LYS E 145 10.18 -4.52 41.07
C LYS E 145 11.69 -4.60 41.11
N GLU E 146 12.26 -5.74 40.70
CA GLU E 146 13.71 -5.89 40.70
C GLU E 146 14.36 -4.96 39.68
N CYS E 147 13.89 -4.99 38.44
CA CYS E 147 14.42 -4.15 37.37
C CYS E 147 13.29 -3.33 36.80
N PRO E 148 13.23 -2.02 37.07
CA PRO E 148 12.11 -1.22 36.59
C PRO E 148 12.09 -1.11 35.08
N LEU E 149 10.91 -0.80 34.55
CA LEU E 149 10.74 -0.78 33.10
C LEU E 149 11.62 0.28 32.45
N LYS E 150 11.88 1.38 33.16
CA LYS E 150 12.66 2.45 32.58
C LYS E 150 14.16 2.17 32.56
N HIS E 151 14.57 0.94 32.85
CA HIS E 151 15.98 0.56 32.75
C HIS E 151 16.21 -0.62 31.83
N ARG E 152 15.28 -0.91 30.93
CA ARG E 152 15.34 -2.11 30.11
C ARG E 152 15.50 -1.76 28.64
N ALA E 153 16.25 -2.59 27.92
CA ALA E 153 16.39 -2.44 26.48
C ALA E 153 15.16 -3.01 25.78
N TRP E 154 14.95 -2.56 24.54
CA TRP E 154 13.76 -2.96 23.80
C TRP E 154 14.00 -2.72 22.32
N ASN E 155 13.69 -3.73 21.50
CA ASN E 155 13.78 -3.62 20.05
C ASN E 155 15.19 -3.27 19.61
N SER E 156 16.13 -4.16 19.89
CA SER E 156 17.53 -3.94 19.58
C SER E 156 18.10 -4.93 18.59
N PHE E 157 17.33 -5.92 18.15
CA PHE E 157 17.79 -6.91 17.20
C PHE E 157 17.19 -6.62 15.83
N LEU E 158 17.88 -7.08 14.78
CA LEU E 158 17.50 -6.77 13.42
C LEU E 158 17.86 -7.95 12.53
N VAL E 159 16.88 -8.54 11.84
CA VAL E 159 17.09 -9.74 11.00
C VAL E 159 18.04 -9.42 9.89
N GLU E 160 18.91 -10.34 9.55
CA GLU E 160 20.02 -10.09 8.59
C GLU E 160 19.57 -10.28 7.16
N ASP E 161 20.46 -10.02 6.20
CA ASP E 161 20.15 -10.11 4.74
C ASP E 161 19.37 -11.36 4.38
N HIS E 162 20.03 -12.45 4.04
CA HIS E 162 19.24 -13.62 3.61
C HIS E 162 18.91 -14.45 4.85
N GLY E 163 18.48 -13.79 5.91
CA GLY E 163 18.21 -14.46 7.17
C GLY E 163 16.80 -14.98 7.28
N PHE E 164 15.87 -14.56 6.42
CA PHE E 164 14.52 -15.16 6.46
C PHE E 164 14.17 -15.63 5.07
N GLY E 165 13.42 -16.71 4.95
CA GLY E 165 12.98 -17.16 3.62
C GLY E 165 11.86 -18.16 3.67
N VAL E 166 11.30 -18.50 2.51
CA VAL E 166 10.23 -19.52 2.45
C VAL E 166 10.87 -20.87 2.74
N PHE E 167 11.98 -21.15 2.07
CA PHE E 167 12.70 -22.42 2.26
C PHE E 167 13.86 -22.15 3.20
N HIS E 168 13.59 -22.09 4.50
CA HIS E 168 14.62 -21.76 5.51
C HIS E 168 14.20 -22.40 6.81
N THR E 169 15.14 -22.64 7.71
CA THR E 169 14.76 -23.17 9.04
C THR E 169 15.60 -22.45 10.10
N SER E 170 16.55 -21.65 9.65
CA SER E 170 17.38 -20.88 10.58
C SER E 170 17.16 -19.40 10.29
N VAL E 171 16.91 -18.60 11.31
CA VAL E 171 16.82 -17.14 11.12
C VAL E 171 18.03 -16.54 11.77
N TRP E 172 18.68 -15.64 11.11
CA TRP E 172 19.86 -14.96 11.62
C TRP E 172 19.46 -13.59 12.13
N LEU E 173 20.03 -13.17 13.26
CA LEU E 173 19.76 -11.87 13.83
C LEU E 173 21.08 -11.24 14.26
N LYS E 174 21.05 -9.93 14.48
CA LYS E 174 22.22 -9.22 14.96
C LYS E 174 21.78 -7.93 15.64
N VAL E 175 22.70 -7.35 16.41
CA VAL E 175 22.41 -6.13 17.16
C VAL E 175 22.52 -4.95 16.22
N ARG E 176 21.48 -4.12 16.18
CA ARG E 176 21.48 -2.96 15.31
C ARG E 176 22.35 -1.86 15.89
N GLU E 177 22.59 -0.83 15.09
CA GLU E 177 23.46 0.27 15.45
C GLU E 177 22.72 1.60 15.58
N ASP E 178 21.40 1.60 15.39
CA ASP E 178 20.64 2.83 15.35
C ASP E 178 19.46 2.75 16.32
N TYR E 179 18.73 3.84 16.39
CA TYR E 179 17.54 3.95 17.23
C TYR E 179 16.30 4.00 16.35
N SER E 180 15.33 3.16 16.64
CA SER E 180 14.10 3.16 15.86
C SER E 180 12.96 2.62 16.69
N LEU E 181 11.75 3.00 16.31
CA LEU E 181 10.52 2.51 16.92
C LEU E 181 9.71 1.65 15.98
N GLU E 182 10.29 1.18 14.89
CA GLU E 182 9.54 0.48 13.85
C GLU E 182 9.70 -1.02 13.98
N CYS E 183 8.64 -1.74 13.67
CA CYS E 183 8.67 -3.20 13.66
C CYS E 183 9.64 -3.67 12.59
N ASP E 184 10.19 -4.86 12.78
CA ASP E 184 11.19 -5.37 11.85
C ASP E 184 10.57 -5.63 10.49
N PRO E 185 11.05 -4.99 9.41
CA PRO E 185 10.42 -5.17 8.10
C PRO E 185 10.70 -6.52 7.47
N ALA E 186 11.72 -7.25 7.91
CA ALA E 186 12.12 -8.46 7.21
C ALA E 186 11.11 -9.58 7.31
N VAL E 187 10.11 -9.48 8.19
CA VAL E 187 9.14 -10.54 8.38
C VAL E 187 7.73 -10.12 8.02
N ILE E 188 7.56 -8.93 7.48
CA ILE E 188 6.24 -8.40 7.15
C ILE E 188 5.90 -8.78 5.71
N GLY E 189 4.67 -9.22 5.50
CA GLY E 189 4.18 -9.44 4.16
C GLY E 189 2.75 -9.00 4.00
N THR E 190 2.49 -8.07 3.08
CA THR E 190 1.14 -7.61 2.81
C THR E 190 0.84 -7.78 1.33
N ALA E 191 -0.40 -8.12 1.03
CA ALA E 191 -0.77 -8.39 -0.35
C ALA E 191 -2.25 -8.14 -0.55
N VAL E 192 -2.60 -7.58 -1.69
CA VAL E 192 -3.98 -7.40 -2.10
C VAL E 192 -4.14 -8.04 -3.47
N LYS E 193 -5.23 -8.78 -3.66
CA LYS E 193 -5.45 -9.52 -4.90
C LYS E 193 -6.94 -9.45 -5.21
N GLY E 194 -7.32 -8.55 -6.09
CA GLY E 194 -8.73 -8.45 -6.44
C GLY E 194 -9.53 -7.75 -5.35
N LYS E 195 -10.31 -8.53 -4.60
CA LYS E 195 -11.15 -7.97 -3.54
C LYS E 195 -10.81 -8.54 -2.17
N GLU E 196 -9.59 -9.03 -1.99
CA GLU E 196 -9.12 -9.52 -0.69
C GLU E 196 -7.73 -8.97 -0.43
N ALA E 197 -7.46 -8.61 0.82
CA ALA E 197 -6.17 -8.06 1.20
C ALA E 197 -5.79 -8.60 2.56
N VAL E 198 -4.51 -8.47 2.89
CA VAL E 198 -4.04 -8.91 4.19
C VAL E 198 -2.74 -8.20 4.56
N HIS E 199 -2.66 -7.70 5.79
CA HIS E 199 -1.41 -7.27 6.39
C HIS E 199 -1.02 -8.31 7.43
N SER E 200 0.24 -8.71 7.44
CA SER E 200 0.61 -9.79 8.33
C SER E 200 2.10 -9.75 8.64
N ASP E 201 2.45 -10.40 9.74
CA ASP E 201 3.83 -10.70 10.10
C ASP E 201 3.81 -11.97 10.92
N LEU E 202 4.88 -12.22 11.68
CA LEU E 202 4.95 -13.46 12.46
C LEU E 202 3.89 -13.56 13.55
N GLY E 203 3.29 -12.44 13.94
CA GLY E 203 2.32 -12.47 15.02
C GLY E 203 0.93 -11.98 14.68
N TYR E 204 0.80 -11.18 13.63
CA TYR E 204 -0.46 -10.59 13.23
C TYR E 204 -0.94 -11.20 11.92
N TRP E 205 -2.25 -11.30 11.77
CA TRP E 205 -2.87 -11.71 10.52
C TRP E 205 -4.17 -10.92 10.38
N ILE E 206 -4.12 -9.82 9.64
CA ILE E 206 -5.21 -8.86 9.56
C ILE E 206 -5.78 -8.92 8.15
N GLU E 207 -7.07 -9.24 8.05
CA GLU E 207 -7.71 -9.45 6.76
C GLU E 207 -8.72 -8.35 6.48
N SER E 208 -8.81 -7.96 5.22
CA SER E 208 -9.70 -6.90 4.79
C SER E 208 -10.46 -7.36 3.56
N GLU E 209 -11.51 -6.62 3.21
CA GLU E 209 -12.37 -7.02 2.11
C GLU E 209 -13.05 -5.79 1.54
N LYS E 210 -13.65 -5.98 0.37
CA LYS E 210 -14.34 -4.91 -0.36
C LYS E 210 -15.81 -5.29 -0.48
N ASN E 211 -16.67 -4.68 0.34
CA ASN E 211 -18.10 -4.90 0.22
C ASN E 211 -18.75 -3.82 -0.64
N ASP E 212 -18.68 -2.58 -0.17
CA ASP E 212 -18.88 -1.41 -1.01
C ASP E 212 -17.80 -0.37 -0.81
N THR E 213 -17.18 -0.33 0.37
CA THR E 213 -15.89 0.29 0.57
C THR E 213 -14.99 -0.75 1.23
N TRP E 214 -13.69 -0.50 1.23
CA TRP E 214 -12.78 -1.41 1.89
C TRP E 214 -12.93 -1.29 3.40
N ARG E 215 -12.90 -2.44 4.07
CA ARG E 215 -13.15 -2.46 5.51
C ARG E 215 -12.48 -3.67 6.13
N LEU E 216 -12.30 -3.61 7.44
CA LEU E 216 -11.76 -4.75 8.18
C LEU E 216 -12.76 -5.89 8.19
N LYS E 217 -12.25 -7.11 8.05
CA LYS E 217 -13.09 -8.30 8.07
C LYS E 217 -12.87 -9.13 9.32
N ARG E 218 -11.63 -9.50 9.61
CA ARG E 218 -11.31 -10.23 10.82
C ARG E 218 -9.80 -10.14 11.05
N ALA E 219 -9.41 -10.30 12.31
CA ALA E 219 -8.00 -10.23 12.69
C ALA E 219 -7.71 -11.35 13.66
N HIS E 220 -6.46 -11.80 13.66
CA HIS E 220 -6.00 -12.85 14.56
C HIS E 220 -4.63 -12.48 15.09
N LEU E 221 -4.54 -12.24 16.39
CA LEU E 221 -3.32 -11.77 17.02
C LEU E 221 -2.91 -12.74 18.10
N ILE E 222 -1.64 -13.12 18.13
CA ILE E 222 -1.11 -13.98 19.18
C ILE E 222 -0.08 -13.22 20.02
N GLU E 223 -0.07 -11.90 19.96
CA GLU E 223 0.79 -11.05 20.75
C GLU E 223 0.28 -9.63 20.61
N MET E 224 0.76 -8.76 21.48
CA MET E 224 0.39 -7.35 21.45
C MET E 224 1.68 -6.53 21.45
N LYS E 225 2.21 -6.27 20.27
CA LYS E 225 3.42 -5.49 20.14
C LYS E 225 3.11 -4.01 20.34
N THR E 226 4.17 -3.21 20.47
CA THR E 226 4.02 -1.76 20.57
C THR E 226 4.97 -1.02 19.64
N CYS E 227 5.60 -1.72 18.70
CA CYS E 227 6.36 -1.03 17.67
C CYS E 227 5.41 -0.40 16.67
N GLU E 228 5.96 0.28 15.67
CA GLU E 228 5.17 0.99 14.67
C GLU E 228 5.25 0.26 13.35
N TRP E 229 4.10 -0.01 12.76
CA TRP E 229 4.05 -0.69 11.48
C TRP E 229 4.58 0.22 10.40
N PRO E 230 5.63 -0.15 9.67
CA PRO E 230 6.23 0.76 8.70
C PRO E 230 5.28 1.11 7.57
N LYS E 231 5.38 2.35 7.09
CA LYS E 231 4.48 2.79 6.04
C LYS E 231 4.79 2.15 4.71
N SER E 232 6.04 1.72 4.50
CA SER E 232 6.41 1.10 3.24
C SER E 232 5.69 -0.22 3.02
N HIS E 233 5.10 -0.80 4.06
CA HIS E 233 4.42 -2.08 3.98
C HIS E 233 2.93 -1.93 4.27
N THR E 234 2.32 -0.82 3.88
CA THR E 234 0.90 -0.57 4.09
C THR E 234 0.25 -0.17 2.79
N LEU E 235 -1.01 -0.55 2.63
CA LEU E 235 -1.78 -0.23 1.44
C LEU E 235 -2.68 0.96 1.71
N TRP E 236 -2.70 1.93 0.80
CA TRP E 236 -3.61 3.07 0.86
C TRP E 236 -3.42 3.85 2.16
N THR E 237 -2.24 4.45 2.28
CA THR E 237 -1.82 5.04 3.54
C THR E 237 -2.03 6.54 3.63
N ASP E 238 -2.72 7.15 2.68
CA ASP E 238 -2.85 8.60 2.65
C ASP E 238 -4.27 9.04 2.99
N GLY E 239 -4.36 10.21 3.60
CA GLY E 239 -5.64 10.80 3.94
C GLY E 239 -6.45 10.00 4.93
N ILE E 240 -5.79 9.48 5.97
CA ILE E 240 -6.42 8.66 6.99
C ILE E 240 -6.27 9.35 8.33
N GLU E 241 -7.33 9.31 9.13
CA GLU E 241 -7.32 9.89 10.46
C GLU E 241 -7.05 8.83 11.51
N GLU E 242 -6.13 9.14 12.43
CA GLU E 242 -5.72 8.17 13.44
C GLU E 242 -6.82 7.81 14.41
N SER E 243 -7.93 8.55 14.42
CA SER E 243 -9.04 8.26 15.31
C SER E 243 -9.99 7.22 14.76
N ASP E 244 -9.75 6.70 13.56
CA ASP E 244 -10.64 5.73 12.94
C ASP E 244 -10.04 4.34 12.82
N LEU E 245 -8.76 4.18 13.10
CA LEU E 245 -8.13 2.87 13.01
C LEU E 245 -8.66 1.96 14.12
N ILE E 246 -9.15 0.79 13.74
CA ILE E 246 -9.73 -0.12 14.73
C ILE E 246 -8.66 -0.63 15.68
N ILE E 247 -7.55 -1.11 15.15
CA ILE E 247 -6.41 -1.54 15.96
C ILE E 247 -5.52 -0.34 16.19
N PRO E 248 -5.31 0.09 17.44
CA PRO E 248 -4.65 1.36 17.68
C PRO E 248 -3.25 1.41 17.08
N LYS E 249 -2.85 2.60 16.63
CA LYS E 249 -1.52 2.77 16.07
C LYS E 249 -0.45 2.41 17.09
N SER E 250 -0.69 2.71 18.36
CA SER E 250 0.27 2.42 19.41
C SER E 250 0.38 0.94 19.70
N LEU E 251 -0.49 0.11 19.14
CA LEU E 251 -0.40 -1.35 19.26
C LEU E 251 0.03 -1.99 17.96
N ALA E 252 0.87 -1.31 17.19
CA ALA E 252 1.40 -1.81 15.92
C ALA E 252 0.29 -2.12 14.92
N GLY E 253 -0.71 -1.24 14.86
CA GLY E 253 -1.74 -1.36 13.88
C GLY E 253 -1.37 -0.58 12.64
N PRO E 254 -1.62 -1.15 11.46
CA PRO E 254 -1.26 -0.45 10.23
C PRO E 254 -2.12 0.79 10.00
N LEU E 255 -1.48 1.85 9.52
CA LEU E 255 -2.14 3.14 9.30
C LEU E 255 -2.68 3.17 7.88
N SER E 256 -3.86 2.58 7.69
CA SER E 256 -4.40 2.43 6.36
C SER E 256 -5.92 2.47 6.41
N HIS E 257 -6.53 2.67 5.25
CA HIS E 257 -7.99 2.60 5.15
C HIS E 257 -8.50 1.18 5.26
N HIS E 258 -7.64 0.17 5.14
CA HIS E 258 -8.05 -1.20 5.36
C HIS E 258 -8.22 -1.54 6.84
N ASN E 259 -7.76 -0.67 7.73
CA ASN E 259 -7.83 -0.87 9.16
C ASN E 259 -9.00 -0.11 9.78
N THR E 260 -10.11 0.02 9.07
CA THR E 260 -11.24 0.82 9.50
C THR E 260 -12.53 0.05 9.29
N ARG E 261 -13.60 0.56 9.90
CA ARG E 261 -14.95 0.11 9.61
C ARG E 261 -15.91 1.22 9.98
N GLU E 262 -17.03 1.28 9.28
CA GLU E 262 -17.97 2.39 9.45
C GLU E 262 -18.70 2.27 10.78
N GLY E 263 -18.68 3.34 11.57
CA GLY E 263 -19.39 3.38 12.82
C GLY E 263 -18.56 3.07 14.05
N TYR E 264 -17.27 2.79 13.89
CA TYR E 264 -16.41 2.44 15.01
C TYR E 264 -15.18 3.33 15.04
N ARG E 265 -14.70 3.59 16.25
CA ARG E 265 -13.51 4.37 16.49
C ARG E 265 -12.41 3.47 17.01
N THR E 266 -11.26 4.07 17.31
CA THR E 266 -10.13 3.28 17.78
C THR E 266 -10.44 2.65 19.13
N GLN E 267 -10.02 1.39 19.29
CA GLN E 267 -10.34 0.61 20.48
C GLN E 267 -9.18 0.71 21.46
N MET E 268 -9.07 1.86 22.11
CA MET E 268 -7.95 2.08 23.01
C MET E 268 -8.04 1.24 24.28
N LYS E 269 -9.22 0.76 24.63
CA LYS E 269 -9.42 0.06 25.90
C LYS E 269 -10.07 -1.29 25.67
N GLY E 270 -9.54 -2.05 24.72
CA GLY E 270 -9.96 -3.42 24.53
C GLY E 270 -9.29 -4.34 25.52
N PRO E 271 -9.64 -5.61 25.43
CA PRO E 271 -9.06 -6.61 26.33
C PRO E 271 -7.64 -7.02 25.91
N TRP E 272 -6.74 -6.05 25.92
CA TRP E 272 -5.40 -6.26 25.38
C TRP E 272 -4.50 -7.05 26.32
N HIS E 273 -5.00 -7.53 27.45
CA HIS E 273 -4.22 -8.34 28.36
C HIS E 273 -4.28 -9.82 28.05
N SER E 274 -5.10 -10.23 27.08
CA SER E 274 -5.25 -11.64 26.75
C SER E 274 -4.01 -12.18 26.07
N GLU E 275 -3.82 -13.49 26.18
CA GLU E 275 -2.68 -14.14 25.53
C GLU E 275 -2.88 -14.25 24.03
N GLU E 276 -4.07 -14.60 23.59
CA GLU E 276 -4.38 -14.75 22.18
C GLU E 276 -5.76 -14.18 21.92
N LEU E 277 -5.89 -13.41 20.86
CA LEU E 277 -7.12 -12.67 20.59
C LEU E 277 -7.52 -12.87 19.14
N GLU E 278 -8.83 -12.85 18.89
CA GLU E 278 -9.35 -12.91 17.54
C GLU E 278 -10.50 -11.92 17.40
N ILE E 279 -10.33 -10.95 16.53
CA ILE E 279 -11.32 -9.92 16.30
C ILE E 279 -12.22 -10.35 15.15
N ARG E 280 -13.53 -10.34 15.38
CA ARG E 280 -14.47 -10.71 14.35
C ARG E 280 -15.78 -9.95 14.59
N PHE E 281 -16.57 -9.83 13.54
CA PHE E 281 -17.80 -9.04 13.61
C PHE E 281 -18.98 -10.01 13.59
N GLU E 282 -19.43 -10.36 14.79
CA GLU E 282 -20.48 -11.35 14.99
C GLU E 282 -20.89 -11.30 16.45
N GLU E 283 -22.18 -11.45 16.70
CA GLU E 283 -22.69 -11.36 18.07
C GLU E 283 -22.13 -12.47 18.93
N CYS E 284 -21.85 -12.14 20.19
CA CYS E 284 -21.41 -13.15 21.14
C CYS E 284 -22.54 -14.14 21.38
N PRO E 285 -22.22 -15.40 21.67
CA PRO E 285 -23.27 -16.42 21.80
C PRO E 285 -24.30 -16.07 22.85
N GLY E 286 -25.57 -16.24 22.49
CA GLY E 286 -26.65 -16.03 23.43
C GLY E 286 -26.96 -14.57 23.74
N THR E 287 -26.56 -13.65 22.87
CA THR E 287 -26.80 -12.23 23.09
C THR E 287 -27.47 -11.62 21.86
N LYS E 288 -28.01 -10.42 22.04
CA LYS E 288 -28.63 -9.68 20.95
C LYS E 288 -28.32 -8.21 21.13
N VAL E 289 -27.99 -7.55 20.03
CA VAL E 289 -27.57 -6.14 20.04
C VAL E 289 -28.57 -5.33 19.23
N HIS E 290 -28.95 -4.17 19.76
CA HIS E 290 -29.83 -3.24 19.08
C HIS E 290 -29.11 -1.91 18.90
N VAL E 291 -29.67 -1.06 18.04
CA VAL E 291 -29.16 0.29 17.82
C VAL E 291 -30.22 1.27 18.30
N GLU E 292 -29.90 2.02 19.33
CA GLU E 292 -30.79 3.04 19.87
C GLU E 292 -29.97 4.28 20.22
N GLU E 293 -30.65 5.42 20.26
CA GLU E 293 -29.98 6.67 20.56
C GLU E 293 -29.99 7.01 22.04
N THR E 294 -30.55 6.14 22.88
CA THR E 294 -30.66 6.38 24.31
C THR E 294 -29.73 5.48 25.10
N CYS E 295 -28.53 5.24 24.59
CA CYS E 295 -27.58 4.33 25.22
C CYS E 295 -26.35 5.11 25.66
N GLY E 296 -25.61 4.52 26.58
CA GLY E 296 -24.46 5.18 27.14
C GLY E 296 -23.36 5.41 26.13
N THR E 297 -22.40 6.24 26.52
CA THR E 297 -21.30 6.59 25.64
C THR E 297 -20.23 5.49 25.68
N ARG E 298 -19.14 5.71 24.98
CA ARG E 298 -18.06 4.74 24.94
C ARG E 298 -17.39 4.62 26.31
N GLY E 299 -16.83 3.46 26.57
CA GLY E 299 -16.14 3.19 27.80
C GLY E 299 -15.28 1.95 27.66
N PRO E 300 -14.72 1.48 28.76
CA PRO E 300 -13.90 0.26 28.70
C PRO E 300 -14.73 -0.92 28.24
N SER E 301 -14.08 -1.83 27.51
CA SER E 301 -14.75 -2.99 26.98
C SER E 301 -15.23 -3.90 28.09
N LEU E 302 -16.35 -4.57 27.87
CA LEU E 302 -16.97 -5.44 28.85
C LEU E 302 -17.08 -6.86 28.32
N ARG E 303 -17.00 -7.83 29.22
CA ARG E 303 -17.15 -9.22 28.86
C ARG E 303 -18.61 -9.63 28.92
N SER E 304 -19.00 -10.54 28.04
CA SER E 304 -20.41 -10.88 27.91
C SER E 304 -20.89 -11.79 29.03
N THR E 305 -20.01 -12.31 29.85
CA THR E 305 -20.39 -13.17 30.96
C THR E 305 -19.90 -12.58 32.28
N THR E 306 -20.71 -12.75 33.32
CA THR E 306 -20.34 -12.30 34.65
C THR E 306 -19.25 -13.22 35.22
N ALA E 307 -18.66 -12.80 36.33
CA ALA E 307 -17.61 -13.60 36.96
C ALA E 307 -18.08 -15.00 37.30
N SER E 308 -19.37 -15.17 37.59
CA SER E 308 -19.93 -16.48 37.90
C SER E 308 -20.38 -17.24 36.67
N GLY E 309 -20.22 -16.68 35.48
CA GLY E 309 -20.60 -17.36 34.26
C GLY E 309 -21.99 -17.05 33.76
N ARG E 310 -22.71 -16.13 34.39
CA ARG E 310 -24.03 -15.72 33.93
C ARG E 310 -23.90 -14.86 32.68
N VAL E 311 -24.84 -15.00 31.76
CA VAL E 311 -24.80 -14.35 30.46
C VAL E 311 -25.78 -13.19 30.45
N ILE E 312 -25.31 -12.02 30.03
CA ILE E 312 -26.16 -10.85 29.85
C ILE E 312 -26.65 -10.83 28.41
N GLU E 313 -27.95 -10.62 28.22
CA GLU E 313 -28.59 -10.89 26.94
C GLU E 313 -28.82 -9.65 26.08
N GLU E 314 -29.24 -8.54 26.65
CA GLU E 314 -29.61 -7.38 25.85
C GLU E 314 -28.50 -6.33 25.90
N TRP E 315 -28.04 -5.92 24.73
CA TRP E 315 -27.03 -4.87 24.60
C TRP E 315 -27.52 -3.85 23.60
N CYS E 316 -26.82 -2.72 23.52
CA CYS E 316 -27.20 -1.67 22.60
C CYS E 316 -26.00 -0.79 22.28
N CYS E 317 -26.11 -0.05 21.18
CA CYS E 317 -25.10 0.92 20.78
C CYS E 317 -25.78 2.13 20.15
N ARG E 318 -25.06 3.24 20.09
CA ARG E 318 -25.65 4.47 19.57
C ARG E 318 -25.63 4.52 18.05
N GLU E 319 -24.45 4.46 17.44
CA GLU E 319 -24.34 4.65 16.00
C GLU E 319 -23.54 3.53 15.34
N CYS E 320 -23.26 2.45 16.04
CA CYS E 320 -22.49 1.37 15.47
C CYS E 320 -23.31 0.63 14.43
N THR E 321 -22.62 -0.15 13.59
CA THR E 321 -23.24 -0.85 12.46
C THR E 321 -23.21 -2.35 12.71
N MET E 322 -24.35 -3.00 12.52
CA MET E 322 -24.41 -4.45 12.66
C MET E 322 -23.67 -5.13 11.52
N PRO E 323 -23.06 -6.30 11.76
CA PRO E 323 -22.94 -7.01 13.03
C PRO E 323 -21.90 -6.37 13.96
N PRO E 324 -22.05 -6.55 15.27
CA PRO E 324 -21.21 -5.82 16.21
C PRO E 324 -19.78 -6.33 16.25
N LEU E 325 -18.89 -5.48 16.71
CA LEU E 325 -17.49 -5.83 16.88
C LEU E 325 -17.31 -6.58 18.19
N SER E 326 -16.59 -7.69 18.15
CA SER E 326 -16.39 -8.51 19.33
C SER E 326 -14.99 -9.12 19.32
N PHE E 327 -14.45 -9.33 20.52
CA PHE E 327 -13.17 -9.98 20.69
C PHE E 327 -13.38 -11.38 21.25
N ARG E 328 -12.70 -12.36 20.66
CA ARG E 328 -12.82 -13.75 21.09
C ARG E 328 -11.51 -14.16 21.74
N ALA E 329 -11.48 -14.17 23.06
CA ALA E 329 -10.31 -14.58 23.82
C ALA E 329 -10.56 -15.95 24.43
N LYS E 330 -9.60 -16.42 25.22
CA LYS E 330 -9.71 -17.75 25.81
C LYS E 330 -10.76 -17.78 26.92
N ASP E 331 -10.89 -16.71 27.68
CA ASP E 331 -11.79 -16.70 28.82
C ASP E 331 -13.21 -16.29 28.49
N GLY E 332 -13.48 -15.83 27.27
CA GLY E 332 -14.86 -15.51 26.92
C GLY E 332 -14.92 -14.53 25.75
N CYS E 333 -16.10 -13.98 25.56
CA CYS E 333 -16.40 -13.06 24.47
C CYS E 333 -16.57 -11.66 25.03
N TRP E 334 -15.79 -10.71 24.51
CA TRP E 334 -15.89 -9.32 24.90
C TRP E 334 -16.49 -8.51 23.75
N TYR E 335 -17.05 -7.36 24.08
CA TYR E 335 -17.63 -6.48 23.07
C TYR E 335 -16.78 -5.23 22.90
N GLY E 336 -17.04 -4.50 21.83
CA GLY E 336 -16.32 -3.28 21.56
C GLY E 336 -16.67 -2.18 22.55
N MET E 337 -15.90 -1.10 22.47
CA MET E 337 -16.09 0.00 23.42
C MET E 337 -17.44 0.69 23.23
N GLU E 338 -17.98 0.66 22.02
CA GLU E 338 -19.23 1.37 21.73
C GLU E 338 -20.47 0.63 22.22
N ILE E 339 -20.37 -0.65 22.54
CA ILE E 339 -21.52 -1.48 22.86
C ILE E 339 -21.58 -1.65 24.38
N ARG E 340 -22.70 -1.25 24.96
CA ARG E 340 -22.92 -1.28 26.40
C ARG E 340 -24.17 -2.10 26.71
N PRO E 341 -24.27 -2.66 27.90
CA PRO E 341 -25.49 -3.39 28.25
C PRO E 341 -26.68 -2.46 28.36
N ARG E 342 -27.84 -2.99 28.00
CA ARG E 342 -29.10 -2.26 28.11
C ARG E 342 -29.88 -2.80 29.28
N LYS E 343 -30.34 -1.91 30.15
CA LYS E 343 -31.08 -2.28 31.35
C LYS E 343 -30.27 -3.23 32.22
N GLU E 344 -29.08 -2.79 32.60
CA GLU E 344 -28.20 -3.59 33.44
C GLU E 344 -27.11 -2.74 34.05
N PRO E 345 -26.93 -2.76 35.37
CA PRO E 345 -25.89 -1.94 35.99
C PRO E 345 -24.51 -2.50 35.67
N GLU E 346 -23.58 -1.62 35.32
CA GLU E 346 -22.26 -2.05 34.88
C GLU E 346 -21.33 -2.39 36.03
N SER E 347 -21.73 -2.13 37.27
CA SER E 347 -20.88 -2.52 38.39
C SER E 347 -20.80 -4.03 38.56
N ASN E 348 -21.75 -4.77 38.02
CA ASN E 348 -21.79 -6.21 38.15
C ASN E 348 -20.94 -6.94 37.12
N LEU E 349 -20.34 -6.23 36.18
CA LEU E 349 -19.65 -6.86 35.07
C LEU E 349 -18.14 -6.75 35.24
N VAL E 350 -17.43 -7.47 34.38
CA VAL E 350 -15.98 -7.48 34.37
C VAL E 350 -15.50 -6.69 33.15
N ARG E 351 -14.58 -5.76 33.39
CA ARG E 351 -14.13 -4.84 32.37
C ARG E 351 -12.62 -4.96 32.19
N SER E 352 -12.13 -4.40 31.09
CA SER E 352 -10.69 -4.39 30.85
C SER E 352 -10.04 -3.24 31.59
N MET E 353 -8.94 -3.52 32.26
CA MET E 353 -8.26 -2.54 33.09
C MET E 353 -7.03 -1.94 32.41
N VAL E 354 -6.81 -2.23 31.14
CA VAL E 354 -5.60 -1.82 30.44
C VAL E 354 -5.98 -0.86 29.32
N THR E 355 -5.04 0.01 28.96
CA THR E 355 -5.24 0.99 27.89
C THR E 355 -3.98 1.05 27.03
N ALA E 356 -4.17 1.46 25.79
CA ALA E 356 -3.05 1.56 24.86
C ALA E 356 -2.50 2.98 24.82
N HIS F 3 -8.27 -19.41 4.12
CA HIS F 3 -8.64 -20.85 4.13
C HIS F 3 -9.14 -21.27 2.75
N HIS F 4 -9.79 -20.35 2.02
CA HIS F 4 -10.31 -20.66 0.66
C HIS F 4 -9.14 -20.93 -0.30
N HIS F 5 -8.01 -20.23 -0.12
CA HIS F 5 -6.87 -20.38 -1.04
C HIS F 5 -5.71 -21.12 -0.37
N HIS F 6 -5.43 -22.35 -0.80
CA HIS F 6 -4.29 -23.14 -0.25
C HIS F 6 -3.27 -23.35 -1.38
N GLY F 7 -1.97 -23.29 -1.07
CA GLY F 7 -0.96 -23.38 -2.15
C GLY F 7 0.39 -23.87 -1.71
N CYS F 8 1.17 -24.43 -2.64
CA CYS F 8 2.50 -24.94 -2.33
C CYS F 8 3.52 -24.26 -3.22
N SER F 9 4.72 -24.08 -2.68
CA SER F 9 5.83 -23.47 -3.40
C SER F 9 6.96 -24.49 -3.51
N VAL F 10 7.50 -24.65 -4.72
CA VAL F 10 8.47 -25.69 -5.01
C VAL F 10 9.85 -25.07 -5.18
N ASP F 11 10.88 -25.88 -4.94
CA ASP F 11 12.26 -25.48 -5.15
C ASP F 11 12.92 -26.49 -6.08
N PHE F 12 13.11 -26.12 -7.33
CA PHE F 12 13.68 -27.06 -8.29
C PHE F 12 15.14 -27.36 -7.99
N SER F 13 15.83 -26.48 -7.26
CA SER F 13 17.22 -26.70 -6.96
C SER F 13 17.44 -27.79 -5.92
N LYS F 14 16.61 -27.83 -4.88
CA LYS F 14 16.81 -28.77 -3.78
C LYS F 14 15.72 -29.84 -3.70
N LYS F 15 14.80 -29.86 -4.65
CA LYS F 15 13.66 -30.78 -4.63
C LYS F 15 12.92 -30.68 -3.30
N GLU F 16 12.49 -29.47 -2.98
CA GLU F 16 11.84 -29.18 -1.71
C GLU F 16 10.51 -28.47 -1.95
N THR F 17 9.59 -28.63 -1.00
CA THR F 17 8.26 -28.07 -1.12
C THR F 17 7.82 -27.48 0.20
N ARG F 18 7.21 -26.29 0.15
CA ARG F 18 6.61 -25.64 1.30
C ARG F 18 5.16 -25.35 0.97
N CYS F 19 4.26 -25.79 1.84
CA CYS F 19 2.83 -25.63 1.62
C CYS F 19 2.21 -24.80 2.74
N GLY F 20 0.99 -24.35 2.51
CA GLY F 20 0.32 -23.51 3.48
C GLY F 20 -0.85 -22.79 2.84
N THR F 21 -1.35 -21.79 3.56
CA THR F 21 -2.48 -21.00 3.11
C THR F 21 -2.13 -19.51 3.17
N GLY F 22 -2.82 -18.73 2.33
CA GLY F 22 -2.56 -17.31 2.28
C GLY F 22 -3.08 -16.60 1.04
N VAL F 23 -2.30 -15.66 0.51
CA VAL F 23 -2.66 -14.88 -0.66
C VAL F 23 -1.56 -15.03 -1.70
N PHE F 24 -1.94 -15.29 -2.93
CA PHE F 24 -1.00 -15.61 -4.01
C PHE F 24 -1.20 -14.67 -5.17
N VAL F 25 -0.12 -14.07 -5.64
CA VAL F 25 -0.13 -13.13 -6.76
C VAL F 25 0.75 -13.69 -7.85
N TYR F 26 0.17 -13.92 -9.03
CA TYR F 26 0.84 -14.58 -10.14
C TYR F 26 1.24 -13.58 -11.21
N ASN F 27 2.38 -13.83 -11.84
CA ASN F 27 2.85 -13.03 -12.96
C ASN F 27 2.11 -13.48 -14.21
N ASP F 28 0.98 -12.84 -14.48
CA ASP F 28 0.13 -13.21 -15.60
C ASP F 28 0.43 -12.42 -16.86
N VAL F 29 1.34 -11.46 -16.81
CA VAL F 29 1.65 -10.70 -18.01
C VAL F 29 2.80 -11.37 -18.78
N GLU F 30 2.47 -12.44 -19.48
CA GLU F 30 3.30 -12.91 -20.58
C GLU F 30 2.46 -12.91 -21.83
N ALA F 31 1.32 -13.61 -21.76
CA ALA F 31 0.30 -13.49 -22.79
C ALA F 31 -0.86 -12.65 -22.28
N TRP F 32 -1.50 -13.12 -21.21
CA TRP F 32 -2.68 -12.49 -20.61
C TRP F 32 -3.82 -12.42 -21.61
N ARG F 33 -3.62 -13.01 -22.80
CA ARG F 33 -4.58 -12.94 -23.89
C ARG F 33 -4.82 -14.27 -24.58
N ASP F 34 -3.90 -15.23 -24.49
CA ASP F 34 -4.01 -16.47 -25.26
C ASP F 34 -4.97 -17.43 -24.59
N ARG F 35 -5.79 -18.10 -25.39
CA ARG F 35 -6.66 -19.19 -24.95
C ARG F 35 -7.65 -18.74 -23.86
N TYR F 36 -8.54 -17.84 -24.27
CA TYR F 36 -9.52 -17.25 -23.36
C TYR F 36 -10.90 -17.31 -24.00
N LYS F 37 -11.92 -17.35 -23.15
CA LYS F 37 -13.31 -17.41 -23.60
C LYS F 37 -14.08 -16.28 -22.95
N TYR F 38 -14.18 -15.14 -23.64
CA TYR F 38 -14.78 -13.95 -23.09
C TYR F 38 -16.30 -13.98 -23.21
N HIS F 39 -16.97 -13.50 -22.18
CA HIS F 39 -18.43 -13.42 -22.15
C HIS F 39 -18.84 -12.02 -21.70
N PRO F 40 -18.96 -11.08 -22.62
CA PRO F 40 -19.50 -9.77 -22.25
C PRO F 40 -20.95 -9.88 -21.81
N ASP F 41 -21.58 -8.73 -21.53
CA ASP F 41 -22.83 -8.69 -20.76
C ASP F 41 -23.82 -9.78 -21.15
N SER F 42 -24.31 -9.74 -22.40
CA SER F 42 -25.23 -10.72 -22.96
C SER F 42 -25.43 -10.39 -24.42
N PRO F 43 -25.77 -11.35 -25.27
CA PRO F 43 -25.96 -11.06 -26.69
C PRO F 43 -26.96 -9.93 -26.93
N ARG F 44 -28.19 -10.11 -26.45
CA ARG F 44 -29.21 -9.10 -26.66
C ARG F 44 -28.88 -7.82 -25.90
N ARG F 45 -28.36 -7.93 -24.67
CA ARG F 45 -28.03 -6.75 -23.90
C ARG F 45 -26.95 -5.93 -24.58
N LEU F 46 -25.88 -6.58 -25.03
CA LEU F 46 -24.79 -5.86 -25.68
C LEU F 46 -25.25 -5.26 -27.01
N ALA F 47 -26.07 -6.00 -27.76
CA ALA F 47 -26.57 -5.47 -29.02
C ALA F 47 -27.43 -4.23 -28.79
N ALA F 48 -28.31 -4.27 -27.79
CA ALA F 48 -29.14 -3.12 -27.49
C ALA F 48 -28.29 -1.93 -27.06
N ALA F 49 -27.26 -2.19 -26.24
CA ALA F 49 -26.39 -1.11 -25.80
C ALA F 49 -25.68 -0.46 -26.98
N VAL F 50 -25.18 -1.28 -27.91
CA VAL F 50 -24.49 -0.74 -29.08
C VAL F 50 -25.44 0.08 -29.94
N LYS F 51 -26.66 -0.42 -30.16
CA LYS F 51 -27.61 0.31 -30.98
C LYS F 51 -27.98 1.64 -30.34
N GLN F 52 -28.25 1.63 -29.03
CA GLN F 52 -28.61 2.88 -28.36
C GLN F 52 -27.44 3.86 -28.38
N ALA F 53 -26.21 3.36 -28.27
CA ALA F 53 -25.05 4.25 -28.37
C ALA F 53 -24.95 4.86 -29.75
N TRP F 54 -25.20 4.06 -30.79
CA TRP F 54 -25.14 4.59 -32.15
C TRP F 54 -26.20 5.66 -32.38
N GLU F 55 -27.41 5.42 -31.87
CA GLU F 55 -28.47 6.42 -32.02
C GLU F 55 -28.21 7.67 -31.19
N ASP F 56 -27.27 7.65 -30.27
CA ASP F 56 -27.01 8.78 -29.40
C ASP F 56 -25.83 9.63 -29.86
N GLY F 57 -25.19 9.28 -30.97
CA GLY F 57 -24.08 10.05 -31.48
C GLY F 57 -22.71 9.49 -31.21
N ILE F 58 -22.61 8.32 -30.60
CA ILE F 58 -21.32 7.67 -30.36
C ILE F 58 -21.00 6.81 -31.57
N CYS F 59 -19.87 7.09 -32.21
CA CYS F 59 -19.52 6.40 -33.45
C CYS F 59 -18.57 5.23 -33.26
N GLY F 60 -17.79 5.21 -32.18
CA GLY F 60 -16.81 4.16 -32.03
C GLY F 60 -16.36 3.92 -30.60
N ILE F 61 -15.36 3.06 -30.45
CA ILE F 61 -14.84 2.69 -29.13
C ILE F 61 -13.33 2.71 -29.17
N SER F 62 -12.73 3.30 -28.13
CA SER F 62 -11.29 3.26 -27.92
C SER F 62 -10.99 2.32 -26.77
N SER F 63 -10.31 1.22 -27.07
CA SER F 63 -10.11 0.17 -26.08
C SER F 63 -9.15 0.62 -24.99
N VAL F 64 -9.40 0.15 -23.77
N VAL F 64 -9.44 0.18 -23.76
CA VAL F 64 -8.58 0.56 -22.64
CA VAL F 64 -8.59 0.53 -22.62
C VAL F 64 -7.35 -0.34 -22.50
C VAL F 64 -7.32 -0.30 -22.63
N SER F 65 -7.43 -1.59 -22.96
CA SER F 65 -6.32 -2.50 -22.87
C SER F 65 -6.39 -3.50 -24.02
N ARG F 66 -5.39 -4.37 -24.09
CA ARG F 66 -5.39 -5.41 -25.11
C ARG F 66 -6.50 -6.43 -24.87
N MET F 67 -6.85 -6.68 -23.61
CA MET F 67 -7.90 -7.65 -23.34
C MET F 67 -9.23 -7.22 -23.95
N GLU F 68 -9.56 -5.93 -23.83
CA GLU F 68 -10.81 -5.45 -24.40
C GLU F 68 -10.81 -5.57 -25.93
N ASN F 69 -9.67 -5.28 -26.56
CA ASN F 69 -9.59 -5.43 -28.01
C ASN F 69 -9.79 -6.88 -28.42
N ILE F 70 -9.17 -7.81 -27.68
CA ILE F 70 -9.36 -9.23 -27.99
C ILE F 70 -10.81 -9.63 -27.79
N MET F 71 -11.45 -9.11 -26.74
CA MET F 71 -12.85 -9.45 -26.48
C MET F 71 -13.74 -8.97 -27.62
N TRP F 72 -13.54 -7.74 -28.07
CA TRP F 72 -14.32 -7.22 -29.19
C TRP F 72 -14.08 -8.05 -30.45
N ARG F 73 -12.82 -8.40 -30.72
CA ARG F 73 -12.53 -9.18 -31.91
C ARG F 73 -13.21 -10.55 -31.85
N SER F 74 -13.29 -11.14 -30.67
CA SER F 74 -13.91 -12.45 -30.54
C SER F 74 -15.43 -12.37 -30.62
N VAL F 75 -16.02 -11.24 -30.23
CA VAL F 75 -17.47 -11.16 -30.17
C VAL F 75 -18.11 -10.54 -31.42
N GLU F 76 -17.32 -9.91 -32.28
CA GLU F 76 -17.88 -9.15 -33.40
C GLU F 76 -18.81 -9.99 -34.28
N GLY F 77 -18.48 -11.27 -34.49
CA GLY F 77 -19.29 -12.09 -35.37
C GLY F 77 -20.71 -12.26 -34.86
N GLU F 78 -20.85 -12.63 -33.58
CA GLU F 78 -22.17 -12.79 -33.00
C GLU F 78 -22.89 -11.46 -32.91
N LEU F 79 -22.17 -10.37 -32.60
CA LEU F 79 -22.82 -9.06 -32.62
C LEU F 79 -23.42 -8.77 -33.99
N ASN F 80 -22.64 -8.99 -35.04
CA ASN F 80 -23.15 -8.69 -36.38
C ASN F 80 -24.35 -9.56 -36.71
N ALA F 81 -24.30 -10.85 -36.34
CA ALA F 81 -25.43 -11.73 -36.60
C ALA F 81 -26.69 -11.24 -35.89
N ILE F 82 -26.57 -10.90 -34.61
CA ILE F 82 -27.76 -10.50 -33.86
C ILE F 82 -28.28 -9.15 -34.34
N LEU F 83 -27.40 -8.22 -34.69
CA LEU F 83 -27.86 -6.95 -35.23
C LEU F 83 -28.58 -7.16 -36.56
N GLU F 84 -28.10 -8.11 -37.37
CA GLU F 84 -28.80 -8.45 -38.60
C GLU F 84 -30.18 -9.01 -38.31
N GLU F 85 -30.27 -9.89 -37.32
CA GLU F 85 -31.54 -10.58 -37.05
C GLU F 85 -32.65 -9.59 -36.69
N ASN F 86 -32.34 -8.62 -35.83
CA ASN F 86 -33.33 -7.64 -35.44
C ASN F 86 -33.58 -6.59 -36.52
N GLY F 87 -32.97 -6.74 -37.69
CA GLY F 87 -33.13 -5.76 -38.74
C GLY F 87 -32.58 -4.39 -38.40
N VAL F 88 -31.37 -4.36 -37.85
CA VAL F 88 -30.67 -3.11 -37.55
C VAL F 88 -29.54 -2.95 -38.55
N GLN F 89 -29.51 -1.80 -39.23
CA GLN F 89 -28.52 -1.54 -40.28
C GLN F 89 -27.26 -1.00 -39.63
N LEU F 90 -26.50 -1.91 -39.02
CA LEU F 90 -25.32 -1.52 -38.26
C LEU F 90 -24.28 -2.64 -38.35
N THR F 91 -23.01 -2.25 -38.48
CA THR F 91 -21.91 -3.19 -38.58
C THR F 91 -20.81 -2.79 -37.61
N VAL F 92 -20.23 -3.78 -36.94
CA VAL F 92 -19.14 -3.56 -35.99
C VAL F 92 -17.84 -4.01 -36.65
N VAL F 93 -16.87 -3.12 -36.68
CA VAL F 93 -15.58 -3.37 -37.33
C VAL F 93 -14.48 -3.21 -36.29
N VAL F 94 -13.63 -4.23 -36.17
CA VAL F 94 -12.58 -4.27 -35.17
C VAL F 94 -11.23 -4.22 -35.87
N GLY F 95 -10.39 -3.25 -35.48
CA GLY F 95 -9.07 -3.10 -36.05
C GLY F 95 -7.98 -3.37 -35.03
N SER F 96 -6.76 -3.01 -35.42
CA SER F 96 -5.62 -3.18 -34.54
C SER F 96 -5.53 -2.03 -33.55
N VAL F 97 -4.72 -2.25 -32.50
CA VAL F 97 -4.59 -1.29 -31.42
C VAL F 97 -3.19 -0.68 -31.47
N LYS F 98 -3.12 0.63 -31.23
CA LYS F 98 -1.88 1.38 -31.35
C LYS F 98 -1.61 2.14 -30.06
N ASN F 99 -0.41 1.95 -29.51
CA ASN F 99 -0.07 2.59 -28.25
C ASN F 99 0.35 4.04 -28.46
N PRO F 100 0.14 4.90 -27.47
CA PRO F 100 -0.63 4.65 -26.25
C PRO F 100 -2.12 4.77 -26.51
N MET F 101 -2.94 4.19 -25.65
CA MET F 101 -4.39 4.13 -25.87
C MET F 101 -5.04 5.33 -25.21
N TRP F 102 -5.30 6.36 -26.01
CA TRP F 102 -5.79 7.62 -25.48
C TRP F 102 -7.22 7.49 -24.96
N ARG F 103 -7.58 8.41 -24.08
CA ARG F 103 -8.89 8.39 -23.45
C ARG F 103 -9.97 8.85 -24.43
N GLY F 104 -11.19 8.39 -24.18
CA GLY F 104 -12.36 8.91 -24.83
C GLY F 104 -13.33 9.44 -23.80
N PRO F 105 -14.07 10.49 -24.15
CA PRO F 105 -14.96 11.14 -23.17
C PRO F 105 -16.34 10.53 -23.05
N GLN F 106 -16.66 9.48 -23.81
CA GLN F 106 -17.98 8.90 -23.79
C GLN F 106 -17.98 7.56 -23.06
N ARG F 107 -19.18 7.10 -22.72
CA ARG F 107 -19.37 5.81 -22.08
C ARG F 107 -20.53 5.09 -22.72
N LEU F 108 -20.44 3.77 -22.82
CA LEU F 108 -21.54 2.99 -23.35
C LEU F 108 -22.73 3.06 -22.39
N PRO F 109 -23.94 3.23 -22.91
CA PRO F 109 -25.11 3.31 -22.04
C PRO F 109 -25.57 1.94 -21.60
N VAL F 110 -26.42 1.93 -20.58
CA VAL F 110 -27.02 0.71 -20.05
C VAL F 110 -28.43 0.60 -20.62
N PRO F 111 -28.70 -0.32 -21.53
CA PRO F 111 -30.03 -0.38 -22.14
C PRO F 111 -31.10 -0.77 -21.13
N VAL F 112 -32.25 -0.12 -21.23
CA VAL F 112 -33.38 -0.47 -20.36
C VAL F 112 -33.94 -1.83 -20.76
N ASN F 113 -34.08 -2.08 -22.06
CA ASN F 113 -34.63 -3.32 -22.56
C ASN F 113 -33.74 -3.85 -23.68
N GLU F 114 -33.59 -5.17 -23.73
CA GLU F 114 -32.77 -5.82 -24.74
C GLU F 114 -33.59 -6.05 -26.00
N LEU F 115 -32.88 -6.35 -27.09
CA LEU F 115 -33.54 -6.65 -28.35
C LEU F 115 -34.34 -7.94 -28.22
N PRO F 116 -35.59 -7.98 -28.66
CA PRO F 116 -36.43 -9.17 -28.47
C PRO F 116 -36.27 -10.23 -29.55
N HIS F 117 -35.03 -10.51 -29.92
CA HIS F 117 -34.71 -11.58 -30.86
C HIS F 117 -33.27 -12.00 -30.64
N GLY F 118 -33.00 -13.30 -30.77
CA GLY F 118 -31.64 -13.77 -30.68
C GLY F 118 -31.42 -14.95 -29.78
N TRP F 119 -30.20 -15.08 -29.25
CA TRP F 119 -29.77 -16.23 -28.49
C TRP F 119 -29.76 -15.89 -27.00
N LYS F 120 -29.20 -16.77 -26.17
CA LYS F 120 -29.09 -16.47 -24.76
C LYS F 120 -27.68 -16.75 -24.23
N ALA F 121 -26.70 -16.96 -25.09
CA ALA F 121 -25.35 -17.28 -24.66
C ALA F 121 -24.37 -16.86 -25.74
N TRP F 122 -23.09 -17.00 -25.44
CA TRP F 122 -22.03 -16.63 -26.36
C TRP F 122 -21.34 -17.88 -26.92
N GLY F 123 -20.65 -17.68 -28.04
CA GLY F 123 -19.83 -18.73 -28.62
C GLY F 123 -20.60 -19.97 -29.03
N LYS F 124 -21.72 -19.79 -29.72
CA LYS F 124 -22.59 -20.92 -30.04
C LYS F 124 -23.51 -20.52 -31.19
N SER F 125 -24.54 -21.33 -31.41
CA SER F 125 -25.66 -21.17 -32.34
C SER F 125 -25.28 -21.49 -33.78
N TYR F 126 -24.01 -21.73 -34.09
CA TYR F 126 -23.57 -22.10 -35.44
C TYR F 126 -24.20 -21.19 -36.50
N PHE F 127 -24.11 -19.89 -36.24
CA PHE F 127 -24.82 -18.87 -37.00
C PHE F 127 -24.35 -18.80 -38.45
N VAL F 128 -24.98 -17.92 -39.23
CA VAL F 128 -24.56 -17.61 -40.59
C VAL F 128 -24.09 -16.16 -40.61
N ARG F 129 -23.00 -15.91 -41.33
CA ARG F 129 -22.40 -14.59 -41.35
C ARG F 129 -23.39 -13.56 -41.90
N ALA F 130 -23.36 -12.37 -41.30
CA ALA F 130 -24.28 -11.30 -41.68
C ALA F 130 -23.80 -10.60 -42.93
N ALA F 131 -24.55 -9.58 -43.35
CA ALA F 131 -24.25 -8.82 -44.56
C ALA F 131 -23.73 -7.44 -44.18
N LYS F 132 -22.61 -7.05 -44.78
CA LYS F 132 -22.00 -5.77 -44.47
C LYS F 132 -22.91 -4.62 -44.90
N THR F 133 -22.99 -3.60 -44.06
CA THR F 133 -23.83 -2.44 -44.29
C THR F 133 -22.95 -1.21 -44.53
N ASN F 134 -23.61 -0.06 -44.66
CA ASN F 134 -22.87 1.18 -44.87
C ASN F 134 -22.58 1.91 -43.57
N ASN F 135 -23.37 1.64 -42.52
CA ASN F 135 -23.10 2.22 -41.21
C ASN F 135 -22.19 1.30 -40.43
N SER F 136 -21.01 1.79 -40.07
CA SER F 136 -20.01 0.98 -39.38
C SER F 136 -19.76 1.55 -37.98
N PHE F 137 -19.83 0.68 -36.99
CA PHE F 137 -19.48 1.01 -35.61
C PHE F 137 -18.05 0.53 -35.41
N VAL F 138 -17.10 1.45 -35.43
CA VAL F 138 -15.69 1.11 -35.58
C VAL F 138 -15.03 1.02 -34.21
N VAL F 139 -14.39 -0.11 -33.95
CA VAL F 139 -13.50 -0.26 -32.82
C VAL F 139 -12.09 0.07 -33.27
N ASP F 140 -11.28 0.59 -32.36
CA ASP F 140 -10.07 1.33 -32.68
C ASP F 140 -9.25 0.69 -33.80
N GLY F 141 -8.81 1.51 -34.72
CA GLY F 141 -7.92 1.10 -35.78
C GLY F 141 -7.27 2.35 -36.30
N ASP F 142 -7.05 2.39 -37.62
CA ASP F 142 -6.58 3.61 -38.27
C ASP F 142 -7.79 4.32 -38.89
N THR F 143 -8.65 4.81 -38.01
CA THR F 143 -9.95 5.33 -38.42
C THR F 143 -10.27 6.65 -37.73
N LEU F 144 -9.26 7.47 -37.49
CA LEU F 144 -9.52 8.76 -36.84
C LEU F 144 -9.76 9.85 -37.88
N LYS F 145 -10.64 9.57 -38.82
CA LYS F 145 -11.11 10.56 -39.77
C LYS F 145 -12.62 10.57 -39.85
N GLU F 146 -13.26 9.42 -39.75
CA GLU F 146 -14.71 9.30 -39.73
C GLU F 146 -15.28 9.25 -38.33
N CYS F 147 -14.53 8.71 -37.36
CA CYS F 147 -14.95 8.67 -35.97
C CYS F 147 -13.83 9.29 -35.13
N PRO F 148 -13.85 10.60 -34.95
CA PRO F 148 -12.78 11.26 -34.19
C PRO F 148 -12.79 10.81 -32.74
N LEU F 149 -11.64 11.03 -32.09
CA LEU F 149 -11.49 10.62 -30.69
C LEU F 149 -12.54 11.28 -29.80
N LYS F 150 -13.04 12.45 -30.21
CA LYS F 150 -14.00 13.17 -29.39
C LYS F 150 -15.35 12.47 -29.31
N HIS F 151 -15.61 11.50 -30.19
CA HIS F 151 -16.90 10.82 -30.22
C HIS F 151 -16.76 9.32 -29.97
N ARG F 152 -15.86 8.93 -29.08
CA ARG F 152 -15.59 7.52 -28.82
C ARG F 152 -15.85 7.18 -27.36
N ALA F 153 -16.33 5.97 -27.13
CA ALA F 153 -16.48 5.47 -25.77
C ALA F 153 -15.16 4.89 -25.27
N TRP F 154 -15.04 4.77 -23.95
CA TRP F 154 -13.79 4.33 -23.34
C TRP F 154 -14.03 3.89 -21.91
N ASN F 155 -13.49 2.73 -21.53
CA ASN F 155 -13.61 2.21 -20.18
C ASN F 155 -15.05 1.99 -19.77
N SER F 156 -15.74 1.05 -20.42
CA SER F 156 -17.15 0.81 -20.17
C SER F 156 -17.46 -0.53 -19.53
N PHE F 157 -16.47 -1.38 -19.26
CA PHE F 157 -16.73 -2.70 -18.75
C PHE F 157 -16.08 -2.91 -17.38
N LEU F 158 -16.70 -3.79 -16.60
CA LEU F 158 -16.16 -4.21 -15.31
C LEU F 158 -16.10 -5.73 -15.29
N VAL F 159 -14.95 -6.27 -14.88
CA VAL F 159 -14.78 -7.71 -14.79
C VAL F 159 -15.52 -8.25 -13.58
N GLU F 160 -16.27 -9.33 -13.78
CA GLU F 160 -17.00 -9.98 -12.69
C GLU F 160 -16.35 -11.25 -12.22
N ASP F 161 -15.79 -12.06 -13.12
CA ASP F 161 -15.14 -13.30 -12.73
C ASP F 161 -14.01 -13.59 -13.71
N HIS F 162 -12.86 -14.00 -13.17
CA HIS F 162 -11.71 -14.42 -13.97
C HIS F 162 -11.37 -15.82 -13.51
N GLY F 163 -12.04 -16.82 -14.08
CA GLY F 163 -11.89 -18.20 -13.68
C GLY F 163 -10.87 -18.93 -14.54
N PHE F 164 -10.22 -19.91 -13.93
CA PHE F 164 -9.23 -20.75 -14.62
C PHE F 164 -9.80 -22.16 -14.73
N GLY F 165 -10.36 -22.49 -15.91
CA GLY F 165 -10.94 -23.78 -16.13
C GLY F 165 -9.90 -24.86 -16.41
N VAL F 166 -10.40 -26.08 -16.57
CA VAL F 166 -9.51 -27.22 -16.78
C VAL F 166 -8.77 -27.08 -18.10
N PHE F 167 -9.48 -26.75 -19.17
CA PHE F 167 -8.89 -26.64 -20.49
C PHE F 167 -8.96 -25.24 -21.07
N HIS F 168 -10.10 -24.55 -20.92
CA HIS F 168 -10.23 -23.16 -21.31
C HIS F 168 -10.71 -22.35 -20.12
N THR F 169 -10.32 -21.09 -20.09
CA THR F 169 -10.51 -20.23 -18.93
C THR F 169 -11.46 -19.09 -19.29
N SER F 170 -12.54 -18.96 -18.51
CA SER F 170 -13.62 -18.03 -18.79
C SER F 170 -13.36 -16.66 -18.16
N VAL F 171 -13.97 -15.63 -18.76
CA VAL F 171 -13.94 -14.26 -18.25
C VAL F 171 -15.34 -13.68 -18.39
N TRP F 172 -15.84 -13.05 -17.34
CA TRP F 172 -17.21 -12.56 -17.28
C TRP F 172 -17.19 -11.04 -17.13
N LEU F 173 -17.77 -10.34 -18.11
CA LEU F 173 -17.77 -8.89 -18.14
C LEU F 173 -19.16 -8.36 -17.82
N LYS F 174 -19.28 -7.05 -17.78
CA LYS F 174 -20.55 -6.39 -17.48
C LYS F 174 -20.38 -4.89 -17.76
N VAL F 175 -21.43 -4.27 -18.27
CA VAL F 175 -21.37 -2.85 -18.61
C VAL F 175 -21.64 -2.04 -17.34
N ARG F 176 -20.69 -1.17 -16.99
CA ARG F 176 -20.82 -0.39 -15.78
C ARG F 176 -21.88 0.69 -15.96
N GLU F 177 -22.24 1.34 -14.85
CA GLU F 177 -23.30 2.33 -14.85
C GLU F 177 -22.84 3.74 -14.53
N ASP F 178 -21.57 3.96 -14.22
CA ASP F 178 -21.11 5.26 -13.76
C ASP F 178 -19.84 5.66 -14.47
N TYR F 179 -19.60 6.97 -14.48
CA TYR F 179 -18.37 7.54 -15.02
C TYR F 179 -17.20 7.17 -14.11
N SER F 180 -16.05 6.86 -14.71
CA SER F 180 -14.87 6.54 -13.93
C SER F 180 -13.62 6.67 -14.79
N LEU F 181 -12.51 6.96 -14.12
CA LEU F 181 -11.20 7.04 -14.76
C LEU F 181 -10.23 5.99 -14.24
N GLU F 182 -10.66 5.13 -13.32
CA GLU F 182 -9.77 4.19 -12.67
C GLU F 182 -9.75 2.85 -13.41
N CYS F 183 -8.58 2.23 -13.44
CA CYS F 183 -8.43 0.91 -14.02
C CYS F 183 -9.24 -0.10 -13.22
N ASP F 184 -9.58 -1.20 -13.87
CA ASP F 184 -10.40 -2.22 -13.24
C ASP F 184 -9.67 -2.82 -12.05
N PRO F 185 -10.22 -2.76 -10.84
CA PRO F 185 -9.51 -3.29 -9.67
C PRO F 185 -9.65 -4.78 -9.49
N ALA F 186 -10.35 -5.48 -10.36
CA ALA F 186 -10.57 -6.90 -10.17
C ALA F 186 -9.42 -7.75 -10.68
N VAL F 187 -8.41 -7.17 -11.32
CA VAL F 187 -7.33 -7.94 -11.90
C VAL F 187 -5.98 -7.40 -11.45
N ILE F 188 -5.96 -6.63 -10.37
CA ILE F 188 -4.75 -6.01 -9.87
C ILE F 188 -4.25 -6.80 -8.67
N GLY F 189 -2.94 -7.04 -8.65
CA GLY F 189 -2.34 -7.73 -7.52
C GLY F 189 -1.04 -7.07 -7.07
N THR F 190 -1.00 -6.66 -5.81
CA THR F 190 0.15 -5.98 -5.23
C THR F 190 0.61 -6.73 -4.00
N ALA F 191 1.91 -6.89 -3.84
CA ALA F 191 2.45 -7.60 -2.70
C ALA F 191 3.84 -7.11 -2.37
N VAL F 192 4.16 -7.12 -1.08
CA VAL F 192 5.50 -6.82 -0.60
C VAL F 192 5.85 -7.85 0.46
N LYS F 193 7.08 -8.33 0.44
CA LYS F 193 7.50 -9.40 1.33
C LYS F 193 8.97 -9.19 1.65
N GLY F 194 9.25 -8.56 2.78
CA GLY F 194 10.62 -8.32 3.18
C GLY F 194 11.22 -7.10 2.53
N LYS F 195 12.08 -7.29 1.53
CA LYS F 195 12.74 -6.19 0.85
C LYS F 195 12.46 -6.19 -0.65
N GLU F 196 11.39 -6.84 -1.08
CA GLU F 196 10.99 -6.83 -2.48
C GLU F 196 9.49 -6.60 -2.57
N ALA F 197 9.07 -5.90 -3.62
CA ALA F 197 7.66 -5.57 -3.81
C ALA F 197 7.32 -5.69 -5.29
N VAL F 198 6.03 -5.68 -5.60
CA VAL F 198 5.57 -5.73 -6.98
C VAL F 198 4.16 -5.15 -7.07
N HIS F 199 3.96 -4.27 -8.04
CA HIS F 199 2.63 -3.83 -8.47
C HIS F 199 2.37 -4.44 -9.83
N SER F 200 1.21 -5.07 -10.00
CA SER F 200 1.00 -5.82 -11.23
C SER F 200 -0.47 -5.86 -11.59
N ASP F 201 -0.73 -6.12 -12.85
CA ASP F 201 -2.06 -6.41 -13.38
C ASP F 201 -1.88 -7.18 -14.68
N LEU F 202 -2.93 -7.24 -15.50
CA LEU F 202 -2.86 -8.03 -16.73
C LEU F 202 -1.81 -7.51 -17.71
N GLY F 203 -1.38 -6.26 -17.60
CA GLY F 203 -0.45 -5.72 -18.57
C GLY F 203 0.85 -5.19 -18.01
N TYR F 204 0.89 -4.89 -16.71
CA TYR F 204 2.06 -4.30 -16.08
C TYR F 204 2.66 -5.26 -15.08
N TRP F 205 3.98 -5.22 -14.94
CA TRP F 205 4.69 -5.96 -13.89
C TRP F 205 5.83 -5.07 -13.41
N ILE F 206 5.58 -4.31 -12.35
CA ILE F 206 6.49 -3.29 -11.86
C ILE F 206 7.11 -3.78 -10.56
N GLU F 207 8.43 -3.83 -10.51
CA GLU F 207 9.14 -4.36 -9.35
C GLU F 207 9.96 -3.27 -8.70
N SER F 208 10.03 -3.31 -7.37
CA SER F 208 10.81 -2.36 -6.60
C SER F 208 11.60 -3.08 -5.53
N GLU F 209 12.70 -2.48 -5.11
CA GLU F 209 13.64 -3.10 -4.21
C GLU F 209 14.01 -2.14 -3.10
N LYS F 210 14.63 -2.58 -2.03
CA LYS F 210 15.11 -1.63 -1.02
C LYS F 210 16.62 -1.68 -0.97
N ASN F 211 17.29 -0.59 -1.28
CA ASN F 211 18.75 -0.55 -1.12
C ASN F 211 18.99 0.22 0.15
N ASP F 212 18.97 1.53 0.09
CA ASP F 212 19.04 2.35 1.31
C ASP F 212 17.73 3.09 1.33
N THR F 213 17.00 3.04 0.24
CA THR F 213 15.67 3.61 0.17
C THR F 213 14.89 2.71 -0.76
N TRP F 214 13.59 2.72 -0.67
CA TRP F 214 12.79 1.95 -1.62
C TRP F 214 12.87 2.68 -2.95
N ARG F 215 13.15 1.97 -4.02
CA ARG F 215 13.31 2.53 -5.36
C ARG F 215 12.81 1.54 -6.38
N LEU F 216 12.55 2.05 -7.58
CA LEU F 216 12.14 1.21 -8.70
C LEU F 216 13.31 0.36 -9.17
N LYS F 217 13.01 -0.88 -9.56
CA LYS F 217 14.04 -1.81 -10.01
C LYS F 217 13.93 -2.15 -11.48
N ARG F 218 12.79 -2.63 -11.93
CA ARG F 218 12.56 -2.86 -13.35
C ARG F 218 11.05 -2.96 -13.59
N ALA F 219 10.66 -2.67 -14.82
CA ALA F 219 9.26 -2.73 -15.22
C ALA F 219 9.15 -3.46 -16.54
N HIS F 220 7.98 -4.05 -16.78
CA HIS F 220 7.73 -4.79 -18.01
C HIS F 220 6.31 -4.46 -18.46
N LEU F 221 6.18 -3.69 -19.52
CA LEU F 221 4.89 -3.23 -20.01
C LEU F 221 4.65 -3.77 -21.41
N ILE F 222 3.48 -4.38 -21.62
CA ILE F 222 3.09 -4.82 -22.95
C ILE F 222 2.01 -3.92 -23.54
N GLU F 223 1.67 -2.84 -22.87
CA GLU F 223 0.70 -1.88 -23.36
C GLU F 223 0.91 -0.59 -22.60
N MET F 224 0.33 0.50 -23.12
CA MET F 224 0.37 1.79 -22.45
C MET F 224 -1.06 2.28 -22.32
N LYS F 225 -1.73 1.87 -21.25
CA LYS F 225 -3.07 2.35 -20.98
C LYS F 225 -3.00 3.70 -20.28
N THR F 226 -4.14 4.38 -20.20
CA THR F 226 -4.17 5.72 -19.65
C THR F 226 -5.20 5.88 -18.53
N CYS F 227 -5.66 4.79 -17.93
CA CYS F 227 -6.50 4.90 -16.76
C CYS F 227 -5.65 5.26 -15.54
N GLU F 228 -6.28 5.32 -14.38
CA GLU F 228 -5.59 5.67 -13.15
C GLU F 228 -5.51 4.47 -12.22
N TRP F 229 -4.34 4.23 -11.67
CA TRP F 229 -4.13 3.11 -10.76
C TRP F 229 -4.85 3.37 -9.44
N PRO F 230 -5.69 2.46 -8.97
CA PRO F 230 -6.44 2.71 -7.74
C PRO F 230 -5.51 2.87 -6.55
N LYS F 231 -5.87 3.78 -5.64
CA LYS F 231 -5.06 3.97 -4.45
C LYS F 231 -5.21 2.82 -3.48
N SER F 232 -6.35 2.12 -3.51
CA SER F 232 -6.56 1.01 -2.60
C SER F 232 -5.66 -0.18 -2.89
N HIS F 233 -5.00 -0.19 -4.04
CA HIS F 233 -4.09 -1.26 -4.43
C HIS F 233 -2.67 -0.74 -4.56
N THR F 234 -2.29 0.23 -3.74
CA THR F 234 -1.00 0.89 -3.84
C THR F 234 -0.33 0.93 -2.48
N LEU F 235 0.98 0.76 -2.47
CA LEU F 235 1.76 0.77 -1.24
C LEU F 235 2.38 2.14 -1.03
N TRP F 236 2.23 2.69 0.18
CA TRP F 236 2.91 3.90 0.62
C TRP F 236 2.56 5.08 -0.30
N THR F 237 1.30 5.48 -0.23
CA THR F 237 0.76 6.49 -1.12
C THR F 237 0.82 7.92 -0.59
N ASP F 238 1.32 8.15 0.62
CA ASP F 238 1.26 9.48 1.20
C ASP F 238 2.58 10.22 1.07
N GLY F 239 2.49 11.54 1.07
CA GLY F 239 3.68 12.38 1.05
C GLY F 239 4.51 12.23 -0.21
N ILE F 240 3.85 11.98 -1.34
CA ILE F 240 4.53 11.80 -2.62
C ILE F 240 3.93 12.78 -3.60
N GLU F 241 4.78 13.46 -4.37
CA GLU F 241 4.30 14.46 -5.32
C GLU F 241 4.41 13.92 -6.75
N GLU F 242 3.55 14.46 -7.62
CA GLU F 242 3.38 13.91 -8.96
C GLU F 242 4.65 13.97 -9.79
N SER F 243 5.58 14.84 -9.44
CA SER F 243 6.70 15.17 -10.32
C SER F 243 7.86 14.20 -10.21
N ASP F 244 7.81 13.24 -9.31
CA ASP F 244 8.92 12.31 -9.12
C ASP F 244 8.60 10.88 -9.52
N LEU F 245 7.37 10.59 -9.89
CA LEU F 245 7.03 9.24 -10.34
C LEU F 245 7.68 8.97 -11.69
N ILE F 246 8.36 7.83 -11.78
CA ILE F 246 9.05 7.49 -13.03
C ILE F 246 8.03 7.25 -14.14
N ILE F 247 7.16 6.25 -13.95
CA ILE F 247 6.08 6.02 -14.89
C ILE F 247 5.01 7.07 -14.63
N PRO F 248 4.62 7.87 -15.62
CA PRO F 248 3.73 8.99 -15.35
C PRO F 248 2.38 8.53 -14.83
N LYS F 249 1.75 9.39 -14.02
CA LYS F 249 0.42 9.10 -13.53
C LYS F 249 -0.58 8.99 -14.68
N SER F 250 -0.33 9.71 -15.76
CA SER F 250 -1.20 9.67 -16.93
C SER F 250 -1.17 8.33 -17.65
N LEU F 251 -0.15 7.51 -17.43
CA LEU F 251 -0.02 6.22 -18.07
C LEU F 251 -0.25 5.08 -17.09
N ALA F 252 -1.13 5.29 -16.11
CA ALA F 252 -1.48 4.28 -15.12
C ALA F 252 -0.27 3.87 -14.29
N GLY F 253 0.48 4.86 -13.81
CA GLY F 253 1.56 4.60 -12.90
C GLY F 253 1.10 4.71 -11.47
N PRO F 254 1.53 3.77 -10.62
CA PRO F 254 1.15 3.83 -9.20
C PRO F 254 1.64 5.10 -8.54
N LEU F 255 0.79 5.68 -7.69
CA LEU F 255 1.13 6.90 -6.96
C LEU F 255 1.83 6.49 -5.66
N SER F 256 3.04 6.00 -5.80
CA SER F 256 3.72 5.33 -4.70
C SER F 256 5.15 5.80 -4.59
N HIS F 257 5.72 5.61 -3.40
CA HIS F 257 7.16 5.80 -3.23
C HIS F 257 7.96 4.70 -3.90
N HIS F 258 7.33 3.54 -4.14
CA HIS F 258 7.99 2.47 -4.88
C HIS F 258 8.15 2.79 -6.36
N ASN F 259 7.55 3.88 -6.83
CA ASN F 259 7.61 4.30 -8.23
C ASN F 259 8.58 5.45 -8.42
N THR F 260 9.71 5.44 -7.70
CA THR F 260 10.64 6.54 -7.77
C THR F 260 12.05 6.00 -7.93
N ARG F 261 12.97 6.90 -8.28
CA ARG F 261 14.39 6.62 -8.29
C ARG F 261 15.11 7.94 -8.14
N GLU F 262 16.20 7.93 -7.37
CA GLU F 262 16.86 9.18 -7.01
C GLU F 262 17.55 9.79 -8.21
N GLY F 263 17.32 11.08 -8.43
CA GLY F 263 17.94 11.80 -9.52
C GLY F 263 17.14 11.86 -10.80
N TYR F 264 15.99 11.20 -10.87
CA TYR F 264 15.16 11.21 -12.06
C TYR F 264 13.79 11.78 -11.73
N ARG F 265 13.21 12.49 -12.68
CA ARG F 265 11.83 12.95 -12.55
C ARG F 265 10.97 12.24 -13.58
N THR F 266 9.70 12.62 -13.63
CA THR F 266 8.74 11.88 -14.44
C THR F 266 9.12 11.90 -15.91
N GLN F 267 8.91 10.77 -16.57
CA GLN F 267 9.32 10.59 -17.96
C GLN F 267 8.14 10.85 -18.89
N MET F 268 7.82 12.14 -19.04
CA MET F 268 6.65 12.51 -19.82
C MET F 268 6.83 12.23 -21.29
N LYS F 269 8.07 12.19 -21.77
CA LYS F 269 8.32 12.06 -23.20
C LYS F 269 9.20 10.86 -23.51
N GLY F 270 8.89 9.70 -22.96
CA GLY F 270 9.58 8.50 -23.33
C GLY F 270 9.08 7.94 -24.63
N PRO F 271 9.62 6.79 -25.00
CA PRO F 271 9.18 6.12 -26.24
C PRO F 271 7.90 5.34 -26.04
N TRP F 272 6.82 6.03 -25.68
CA TRP F 272 5.57 5.38 -25.35
C TRP F 272 4.80 4.90 -26.56
N HIS F 273 5.35 5.03 -27.77
CA HIS F 273 4.72 4.52 -28.96
C HIS F 273 5.05 3.07 -29.25
N SER F 274 5.91 2.46 -28.45
CA SER F 274 6.33 1.09 -28.70
C SER F 274 5.22 0.10 -28.40
N GLU F 275 5.31 -1.08 -29.00
CA GLU F 275 4.34 -2.13 -28.74
C GLU F 275 4.61 -2.81 -27.41
N GLU F 276 5.83 -2.71 -26.89
CA GLU F 276 6.20 -3.40 -25.67
C GLU F 276 7.53 -2.83 -25.18
N LEU F 277 7.62 -2.59 -23.88
CA LEU F 277 8.80 -1.96 -23.30
C LEU F 277 9.30 -2.78 -22.13
N GLU F 278 10.56 -2.55 -21.77
CA GLU F 278 11.12 -3.05 -20.53
C GLU F 278 12.00 -1.96 -19.95
N ILE F 279 11.54 -1.32 -18.89
CA ILE F 279 12.31 -0.30 -18.20
C ILE F 279 13.31 -1.00 -17.29
N ARG F 280 14.59 -0.66 -17.44
CA ARG F 280 15.60 -1.22 -16.57
C ARG F 280 16.74 -0.22 -16.45
N PHE F 281 17.53 -0.36 -15.40
CA PHE F 281 18.58 0.60 -15.08
C PHE F 281 19.91 -0.05 -15.44
N GLU F 282 20.37 0.20 -16.66
CA GLU F 282 21.56 -0.42 -17.22
C GLU F 282 21.91 0.32 -18.50
N GLU F 283 23.19 0.38 -18.81
CA GLU F 283 23.64 1.09 -19.99
C GLU F 283 23.24 0.35 -21.26
N CYS F 284 22.87 1.12 -22.28
CA CYS F 284 22.60 0.54 -23.57
C CYS F 284 23.90 -0.07 -24.12
N PRO F 285 23.81 -1.21 -24.82
CA PRO F 285 25.04 -1.90 -25.23
C PRO F 285 25.93 -1.05 -26.12
N GLY F 286 27.21 -1.02 -25.79
CA GLY F 286 28.17 -0.29 -26.58
C GLY F 286 28.29 1.19 -26.28
N THR F 287 27.65 1.67 -25.21
CA THR F 287 27.66 3.09 -24.88
C THR F 287 28.24 3.28 -23.49
N LYS F 288 28.51 4.54 -23.15
CA LYS F 288 29.06 4.89 -21.86
C LYS F 288 28.50 6.22 -21.41
N VAL F 289 28.18 6.34 -20.12
CA VAL F 289 27.50 7.52 -19.58
C VAL F 289 28.37 8.11 -18.47
N HIS F 290 28.54 9.43 -18.51
CA HIS F 290 29.25 10.17 -17.48
C HIS F 290 28.27 11.11 -16.77
N VAL F 291 28.74 11.67 -15.67
CA VAL F 291 27.97 12.67 -14.92
C VAL F 291 28.78 13.96 -14.91
N GLU F 292 28.28 14.98 -15.58
CA GLU F 292 28.98 16.25 -15.70
C GLU F 292 27.99 17.38 -15.48
N GLU F 293 28.47 18.48 -14.89
CA GLU F 293 27.62 19.62 -14.65
C GLU F 293 27.37 20.45 -15.91
N THR F 294 28.14 20.24 -16.97
CA THR F 294 28.01 21.01 -18.19
C THR F 294 27.09 20.37 -19.21
N CYS F 295 26.50 19.22 -18.91
CA CYS F 295 25.66 18.54 -19.87
C CYS F 295 24.37 19.33 -20.10
N GLY F 296 23.71 19.06 -21.21
CA GLY F 296 22.53 19.81 -21.58
C GLY F 296 21.33 19.49 -20.72
N THR F 297 20.30 20.31 -20.87
CA THR F 297 19.08 20.11 -20.11
C THR F 297 18.25 18.98 -20.71
N ARG F 298 17.29 18.50 -19.93
CA ARG F 298 16.50 17.35 -20.33
C ARG F 298 15.56 17.71 -21.47
N GLY F 299 15.34 16.75 -22.36
CA GLY F 299 14.42 16.89 -23.46
C GLY F 299 13.76 15.57 -23.80
N PRO F 300 13.24 15.44 -25.01
CA PRO F 300 12.61 14.18 -25.40
C PRO F 300 13.63 13.06 -25.47
N SER F 301 13.13 11.85 -25.26
CA SER F 301 13.98 10.67 -25.22
C SER F 301 14.61 10.41 -26.58
N LEU F 302 15.83 9.87 -26.56
CA LEU F 302 16.60 9.62 -27.76
C LEU F 302 16.95 8.14 -27.86
N ARG F 303 17.11 7.65 -29.09
CA ARG F 303 17.49 6.27 -29.29
C ARG F 303 19.01 6.15 -29.34
N SER F 304 19.51 4.98 -28.96
CA SER F 304 20.94 4.76 -28.90
C SER F 304 21.60 4.70 -30.26
N THR F 305 20.88 4.23 -31.28
CA THR F 305 21.43 4.07 -32.62
C THR F 305 20.71 5.01 -33.58
N THR F 306 21.46 5.55 -34.54
CA THR F 306 20.87 6.45 -35.51
C THR F 306 19.97 5.68 -36.48
N ALA F 307 19.42 6.40 -37.47
CA ALA F 307 18.54 5.78 -38.43
C ALA F 307 19.26 4.74 -39.27
N SER F 308 20.50 5.02 -39.67
CA SER F 308 21.29 4.05 -40.42
C SER F 308 21.62 2.82 -39.59
N GLY F 309 21.90 2.99 -38.30
CA GLY F 309 22.17 1.87 -37.42
C GLY F 309 23.46 1.92 -36.64
N ARG F 310 24.19 3.02 -36.70
CA ARG F 310 25.43 3.15 -35.94
C ARG F 310 25.15 3.72 -34.56
N VAL F 311 25.94 3.33 -33.59
CA VAL F 311 25.69 3.67 -32.20
C VAL F 311 26.43 4.94 -31.83
N ILE F 312 25.88 5.66 -30.87
CA ILE F 312 26.53 6.82 -30.26
C ILE F 312 27.08 6.37 -28.92
N GLU F 313 28.37 6.61 -28.70
CA GLU F 313 29.07 6.00 -27.57
C GLU F 313 29.56 7.03 -26.55
N GLU F 314 28.88 8.17 -26.45
CA GLU F 314 29.28 9.20 -25.49
C GLU F 314 28.04 9.92 -25.01
N TRP F 315 27.69 9.75 -23.74
CA TRP F 315 26.52 10.41 -23.18
C TRP F 315 26.88 11.03 -21.84
N CYS F 316 26.09 12.02 -21.45
CA CYS F 316 26.27 12.68 -20.16
C CYS F 316 24.91 12.93 -19.54
N CYS F 317 24.90 13.12 -18.22
CA CYS F 317 23.73 13.59 -17.52
C CYS F 317 24.16 14.61 -16.47
N ARG F 318 23.24 15.51 -16.13
CA ARG F 318 23.58 16.64 -15.29
C ARG F 318 23.65 16.28 -13.81
N GLU F 319 22.59 15.66 -13.27
CA GLU F 319 22.58 15.30 -11.87
C GLU F 319 21.97 13.93 -11.62
N CYS F 320 21.94 13.05 -12.62
CA CYS F 320 21.36 11.73 -12.44
C CYS F 320 22.36 10.81 -11.75
N THR F 321 21.94 9.58 -11.48
CA THR F 321 22.75 8.60 -10.76
C THR F 321 22.90 7.33 -11.58
N MET F 322 24.09 6.73 -11.51
CA MET F 322 24.37 5.49 -12.21
C MET F 322 23.81 4.29 -11.45
N PRO F 323 23.42 3.22 -12.15
CA PRO F 323 23.38 3.06 -13.60
C PRO F 323 22.22 3.79 -14.25
N PRO F 324 22.37 4.16 -15.52
CA PRO F 324 21.38 5.03 -16.16
C PRO F 324 20.07 4.32 -16.44
N LEU F 325 19.03 5.12 -16.60
CA LEU F 325 17.70 4.61 -16.93
C LEU F 325 17.59 4.45 -18.44
N SER F 326 17.08 3.30 -18.87
CA SER F 326 16.97 3.02 -20.30
C SER F 326 15.71 2.22 -20.57
N PHE F 327 15.24 2.30 -21.81
CA PHE F 327 14.09 1.55 -22.26
C PHE F 327 14.53 0.53 -23.30
N ARG F 328 13.92 -0.64 -23.28
CA ARG F 328 14.28 -1.73 -24.18
C ARG F 328 13.06 -2.08 -25.02
N ALA F 329 13.09 -1.71 -26.29
CA ALA F 329 12.02 -1.98 -27.22
C ALA F 329 12.52 -2.90 -28.33
N LYS F 330 11.62 -3.25 -29.24
CA LYS F 330 12.01 -4.12 -30.35
C LYS F 330 12.95 -3.43 -31.32
N ASP F 331 12.82 -2.11 -31.50
CA ASP F 331 13.65 -1.42 -32.48
C ASP F 331 14.99 -0.98 -31.90
N GLY F 332 15.17 -1.10 -30.59
CA GLY F 332 16.48 -0.77 -30.05
C GLY F 332 16.39 -0.30 -28.61
N CYS F 333 17.42 0.44 -28.21
CA CYS F 333 17.59 0.91 -26.84
C CYS F 333 17.48 2.42 -26.80
N TRP F 334 16.65 2.94 -25.91
CA TRP F 334 16.48 4.36 -25.72
C TRP F 334 17.03 4.76 -24.35
N TYR F 335 17.19 6.06 -24.14
CA TYR F 335 17.65 6.58 -22.87
C TYR F 335 16.61 7.50 -22.28
N GLY F 336 16.73 7.74 -20.98
CA GLY F 336 15.80 8.61 -20.29
C GLY F 336 15.96 10.05 -20.71
N MET F 337 14.98 10.87 -20.31
CA MET F 337 14.98 12.27 -20.69
C MET F 337 16.18 13.02 -20.17
N GLU F 338 16.82 12.55 -19.11
CA GLU F 338 17.92 13.26 -18.49
C GLU F 338 19.26 13.04 -19.17
N ILE F 339 19.34 12.11 -20.12
CA ILE F 339 20.61 11.69 -20.70
C ILE F 339 20.68 12.16 -22.14
N ARG F 340 21.71 12.96 -22.45
CA ARG F 340 21.86 13.53 -23.81
C ARG F 340 23.27 13.20 -24.33
N PRO F 341 23.50 13.16 -25.66
CA PRO F 341 24.84 12.90 -26.22
C PRO F 341 25.87 13.95 -25.77
N ARG F 342 27.12 13.53 -25.60
CA ARG F 342 28.17 14.46 -25.09
C ARG F 342 28.63 15.42 -26.19
N LYS F 343 28.93 14.93 -27.39
CA LYS F 343 29.49 15.83 -28.45
C LYS F 343 28.77 15.64 -29.79
N GLU F 344 27.73 14.80 -29.84
CA GLU F 344 27.04 14.52 -31.14
C GLU F 344 25.82 15.44 -31.29
N PRO F 345 25.70 16.23 -32.38
CA PRO F 345 24.50 17.05 -32.61
C PRO F 345 23.23 16.20 -32.58
N GLU F 346 22.20 16.65 -31.86
CA GLU F 346 20.95 15.85 -31.69
C GLU F 346 20.11 15.86 -32.98
N SER F 347 20.45 16.72 -33.95
CA SER F 347 19.68 16.82 -35.23
C SER F 347 19.87 15.57 -36.08
N ASN F 348 20.86 14.73 -35.76
CA ASN F 348 21.11 13.49 -36.53
C ASN F 348 20.68 12.25 -35.73
N LEU F 349 19.74 12.42 -34.78
CA LEU F 349 19.34 11.29 -33.91
C LEU F 349 17.82 11.04 -34.00
N VAL F 350 17.36 9.86 -33.53
CA VAL F 350 15.95 9.55 -33.53
C VAL F 350 15.38 9.93 -32.17
N ARG F 351 14.28 10.66 -32.16
CA ARG F 351 13.65 11.10 -30.93
C ARG F 351 12.21 10.61 -30.90
N SER F 352 11.60 10.72 -29.72
CA SER F 352 10.21 10.32 -29.57
C SER F 352 9.29 11.51 -29.80
N MET F 353 8.20 11.26 -30.52
CA MET F 353 7.24 12.30 -30.87
C MET F 353 5.97 12.22 -30.03
N VAL F 354 5.99 11.51 -28.91
CA VAL F 354 4.81 11.30 -28.10
C VAL F 354 5.02 11.94 -26.73
N THR F 355 3.93 12.41 -26.15
CA THR F 355 3.94 12.95 -24.81
C THR F 355 2.70 12.47 -24.06
N ALA F 356 2.82 12.33 -22.75
CA ALA F 356 1.73 11.83 -21.94
C ALA F 356 0.95 12.96 -21.28
#